data_5HPO
#
_entry.id   5HPO
#
_cell.length_a   162.646
_cell.length_b   100.131
_cell.length_c   73.281
_cell.angle_alpha   90.00
_cell.angle_beta   105.47
_cell.angle_gamma   90.00
#
_symmetry.space_group_name_H-M   'C 1 2 1'
#
loop_
_entity.id
_entity.type
_entity.pdbx_description
1 polymer 'Lmo2446 protein'
2 branched alpha-D-glucopyranose-(1-4)-alpha-D-glucopyranose-(1-4)-alpha-D-glucopyranose-(1-4)-alpha-D-glucopyranose
3 branched alpha-D-glucopyranose-(1-4)-alpha-D-glucopyranose-(1-4)-alpha-D-glucopyranose
4 non-polymer 'MAGNESIUM ION'
5 non-polymer 'CALCIUM ION'
6 non-polymer 'CHLORIDE ION'
7 non-polymer DI(HYDROXYETHYL)ETHER
8 water water
#
_entity_poly.entity_id   1
_entity_poly.type   'polypeptide(L)'
_entity_poly.pdbx_seq_one_letter_code
;(MSE)HHHHHHSSGVDLGTENLYFQSNA(MSE)DGEYHSPYGDDDLYTVQPTERSPRDPKAGEDVILNITTWPIENGQDV
WVEWTKNGVAQENVTAAYDYNSGNNTYWKADLGKFEKGDEITYTTKGSTNGGTAYESGPFTFYVTDWEYVQDVTSVVDNG
DSITLN(MSE)TATAGDFSPKLYLSFEDLDTLR(MSE)ELSPTGKETGHAGKSGYTVEDTAEKVTVTTEDLSIEIQKSPY
R(MSE)EVHQADGTLLTSEYTTANSLGWLTDGKNVINQYQNNF(MSE)TPSDEAFYGFGERYDTINQRGKDVETYVYNEY
QDQAQTERTYLAVPFFVSANKYG(MSE)YVNSDFHSQFQ(MSE)ASKVEDKYSFVLDNDGD(MSE)TN(MSE)LDYYVIS
GKDQNDIVNNYTDITGKTTLLPKWAFGLW(MSE)SANEWDRESDVSSALSNAKANDIPATGFVLEQWSDEETYYIWNNAT
YTAKKNGEAFSYDDFTFNGKWTDPKG(MSE)VDSVHDAG(MSE)NIVLWQVPVLKDDGTVYEQRDNDEEY(MSE)ISQGY
SADDGTGAPYRVPASQWFGNGILLDFTNKDAVDWWTSQREYLLTEVGIDGFKTDGGE(MSE)VWGRDTTFSNGEKGQE
(MSE)RNRYPTDYVSSYFDFAKSINPEAVSFSRSGTSGAQKSGIYWSGDQTSTFDSFQASLKAGLSASTSGVSYWAWD
(MSE)AGFTGDYPTAELYKRATA(MSE)AAFAPI(MSE)QFHSEKSDPSPSEERSPWNAVARTGDETILPTFQKYLYTR
(MSE)NLLPYIYTAAKDTADNGKS(MSE)(MSE)RQ(MSE)A(MSE)DYPEDVNARDLDEQY(MSE)FGDDLLVAPIVQE
GQTEKEVYLPEGEWVDIWNGGVHPGGETISYYADVDTLPVFAKAGAIIP(MSE)N(MSE)TDGYQLGQNVGNDLKSYDNL
TFRVYPSGDSEYSFYDDVNGGE(MSE)RDISVSEDFANEKVSVDLPA(MSE)ADETT(MSE)QVFSTEPTSVTIDGADVA
KADTLDAFNEATTGYYYDTVQNLTYVKAAAKDAKQAIVLNGVNHAPYEAEFGHLTNVTTASDHAGYTGTGFVAGFDAEKE
AVEFDIDAVDGASDYT(MSE)EVRYSAGVEDATRTVYINGKKQQITLPKTANWDTWNTVEVPVTLQAGNNQVVFDFEADD
TAGINFDHVVIKK
;
_entity_poly.pdbx_strand_id   A
#
loop_
_chem_comp.id
_chem_comp.type
_chem_comp.name
_chem_comp.formula
CA non-polymer 'CALCIUM ION' 'Ca 2'
CL non-polymer 'CHLORIDE ION' 'Cl -1'
GLC D-saccharide, alpha linking alpha-D-glucopyranose 'C6 H12 O6'
MG non-polymer 'MAGNESIUM ION' 'Mg 2'
PEG non-polymer DI(HYDROXYETHYL)ETHER 'C4 H10 O3'
#
# COMPACT_ATOMS: atom_id res chain seq x y z
N ASP A 26 43.77 1.49 -28.11
CA ASP A 26 43.78 -0.01 -28.22
C ASP A 26 43.56 -0.67 -26.89
N GLY A 27 42.86 -1.80 -26.92
CA GLY A 27 42.62 -2.52 -25.70
C GLY A 27 41.81 -3.77 -25.93
N GLU A 28 41.47 -4.39 -24.82
CA GLU A 28 40.72 -5.61 -24.75
C GLU A 28 39.92 -5.56 -23.48
N TYR A 29 38.75 -6.17 -23.46
CA TYR A 29 37.96 -6.19 -22.26
C TYR A 29 36.96 -7.32 -22.20
N HIS A 30 36.93 -7.94 -21.03
CA HIS A 30 35.93 -8.93 -20.65
C HIS A 30 35.67 -8.75 -19.16
N SER A 31 34.41 -8.83 -18.77
CA SER A 31 34.02 -8.76 -17.36
C SER A 31 32.81 -9.67 -17.20
N PRO A 32 32.98 -10.81 -16.52
CA PRO A 32 31.95 -11.87 -16.57
C PRO A 32 30.52 -11.53 -16.16
N TYR A 33 30.36 -10.65 -15.16
CA TYR A 33 29.04 -10.31 -14.67
C TYR A 33 28.50 -9.00 -15.22
N GLY A 34 29.29 -8.23 -15.96
CA GLY A 34 28.85 -6.92 -16.43
C GLY A 34 28.49 -6.06 -15.22
N ASP A 35 27.35 -5.39 -15.28
CA ASP A 35 26.86 -4.60 -14.16
C ASP A 35 25.97 -5.45 -13.24
N ASP A 36 25.87 -6.75 -13.51
CA ASP A 36 25.02 -7.68 -12.76
C ASP A 36 23.53 -7.35 -12.88
N ASP A 37 23.15 -6.67 -13.96
CA ASP A 37 21.74 -6.31 -14.16
C ASP A 37 20.89 -7.58 -14.34
N LEU A 38 19.73 -7.60 -13.69
CA LEU A 38 18.82 -8.74 -13.82
C LEU A 38 18.20 -8.85 -15.22
N TYR A 39 17.95 -7.71 -15.87
CA TYR A 39 17.17 -7.71 -17.11
C TYR A 39 17.97 -7.63 -18.42
N THR A 40 19.20 -7.18 -18.36
CA THR A 40 20.01 -7.03 -19.56
C THR A 40 21.42 -7.54 -19.32
N VAL A 41 22.17 -7.74 -20.39
CA VAL A 41 23.61 -8.10 -20.26
C VAL A 41 24.43 -7.03 -20.98
N GLN A 42 25.62 -6.78 -20.45
CA GLN A 42 26.62 -5.99 -21.18
C GLN A 42 27.14 -6.93 -22.27
N PRO A 43 27.79 -6.40 -23.31
CA PRO A 43 28.21 -7.24 -24.44
C PRO A 43 29.53 -7.97 -24.27
N THR A 44 30.06 -7.95 -23.04
CA THR A 44 31.35 -8.57 -22.73
C THR A 44 31.28 -9.44 -21.48
N GLU A 45 30.15 -10.12 -21.30
CA GLU A 45 29.92 -11.01 -20.15
C GLU A 45 30.20 -12.47 -20.46
N ARG A 46 30.14 -13.26 -19.39
CA ARG A 46 30.21 -14.69 -19.46
C ARG A 46 28.75 -15.18 -19.40
N SER A 47 28.40 -16.17 -20.21
CA SER A 47 27.08 -16.73 -20.23
C SER A 47 27.16 -18.26 -20.20
N PRO A 48 26.55 -18.89 -19.18
CA PRO A 48 25.82 -18.28 -18.09
C PRO A 48 26.77 -17.58 -17.13
N ARG A 49 26.28 -16.61 -16.36
CA ARG A 49 27.10 -15.90 -15.38
C ARG A 49 27.70 -16.86 -14.35
N ASP A 50 26.84 -17.74 -13.82
CA ASP A 50 27.21 -18.73 -12.80
C ASP A 50 26.90 -20.11 -13.37
N PRO A 51 27.86 -20.72 -14.04
CA PRO A 51 27.59 -22.00 -14.73
C PRO A 51 27.30 -23.18 -13.81
N LYS A 52 26.30 -23.98 -14.20
CA LYS A 52 26.00 -25.22 -13.50
C LYS A 52 26.52 -26.35 -14.39
N ALA A 53 26.49 -27.54 -13.83
CA ALA A 53 26.97 -28.73 -14.50
C ALA A 53 26.21 -28.94 -15.81
N GLY A 54 26.94 -29.25 -16.87
CA GLY A 54 26.34 -29.55 -18.17
C GLY A 54 25.97 -28.37 -19.05
N GLU A 55 26.26 -27.17 -18.59
CA GLU A 55 25.96 -25.94 -19.34
C GLU A 55 27.17 -25.45 -20.12
N ASP A 56 26.96 -25.19 -21.40
CA ASP A 56 28.02 -24.67 -22.24
C ASP A 56 28.34 -23.25 -21.80
N VAL A 57 29.61 -22.95 -21.56
CA VAL A 57 30.03 -21.64 -21.10
C VAL A 57 30.67 -20.83 -22.24
N ILE A 58 30.11 -19.65 -22.49
CA ILE A 58 30.58 -18.74 -23.52
C ILE A 58 31.14 -17.49 -22.89
N LEU A 59 32.28 -17.02 -23.41
CA LEU A 59 32.90 -15.80 -22.96
C LEU A 59 32.80 -14.78 -24.12
N ASN A 60 32.21 -13.62 -23.82
CA ASN A 60 32.09 -12.53 -24.78
C ASN A 60 33.16 -11.52 -24.46
N ILE A 61 33.98 -11.19 -25.45
CA ILE A 61 35.15 -10.36 -25.26
C ILE A 61 35.17 -9.25 -26.31
N THR A 62 35.65 -8.06 -25.96
CA THR A 62 35.83 -7.03 -26.97
C THR A 62 37.28 -6.56 -27.12
N THR A 63 37.60 -6.10 -28.32
CA THR A 63 38.85 -5.44 -28.62
C THR A 63 38.55 -4.14 -29.38
N TRP A 64 39.50 -3.21 -29.35
CA TRP A 64 39.38 -1.97 -30.12
C TRP A 64 40.77 -1.47 -30.46
N PRO A 65 40.92 -0.77 -31.58
CA PRO A 65 39.87 -0.46 -32.55
C PRO A 65 39.69 -1.64 -33.50
N ILE A 66 38.76 -1.52 -34.46
CA ILE A 66 38.54 -2.59 -35.42
C ILE A 66 39.72 -2.57 -36.39
N GLU A 67 40.38 -3.71 -36.54
CA GLU A 67 41.53 -3.78 -37.43
C GLU A 67 41.90 -5.22 -37.74
N ASN A 68 42.57 -5.41 -38.87
CA ASN A 68 43.01 -6.74 -39.29
C ASN A 68 44.16 -7.23 -38.42
N GLY A 69 44.30 -8.55 -38.34
CA GLY A 69 45.40 -9.14 -37.61
C GLY A 69 45.24 -9.27 -36.11
N GLN A 70 44.03 -9.10 -35.59
CA GLN A 70 43.86 -9.24 -34.15
C GLN A 70 43.62 -10.68 -33.80
N ASP A 71 44.19 -11.12 -32.70
CA ASP A 71 43.98 -12.47 -32.19
C ASP A 71 43.44 -12.34 -30.79
N VAL A 72 42.43 -13.11 -30.46
CA VAL A 72 41.88 -13.10 -29.10
C VAL A 72 41.83 -14.53 -28.61
N TRP A 73 42.22 -14.75 -27.37
CA TRP A 73 42.25 -16.09 -26.84
C TRP A 73 42.09 -16.12 -25.34
N VAL A 74 41.96 -17.32 -24.81
CA VAL A 74 41.75 -17.52 -23.39
C VAL A 74 42.79 -18.49 -22.82
N GLU A 75 43.52 -18.03 -21.80
CA GLU A 75 44.47 -18.84 -21.05
C GLU A 75 43.73 -19.29 -19.80
N TRP A 76 43.72 -20.58 -19.50
CA TRP A 76 42.92 -21.07 -18.37
C TRP A 76 43.33 -22.39 -17.79
N THR A 77 42.76 -22.71 -16.63
CA THR A 77 43.02 -23.93 -15.90
C THR A 77 41.69 -24.52 -15.44
N LYS A 78 41.66 -25.84 -15.33
CA LYS A 78 40.50 -26.55 -14.83
C LYS A 78 40.99 -27.38 -13.66
N ASN A 79 40.48 -27.12 -12.46
CA ASN A 79 40.95 -27.76 -11.23
C ASN A 79 42.46 -27.65 -11.08
N GLY A 80 42.99 -26.46 -11.41
CA GLY A 80 44.44 -26.23 -11.31
C GLY A 80 45.29 -26.77 -12.46
N VAL A 81 44.70 -27.50 -13.40
CA VAL A 81 45.42 -28.10 -14.53
C VAL A 81 45.37 -27.17 -15.75
N ALA A 82 46.54 -26.77 -16.25
CA ALA A 82 46.60 -25.92 -17.44
C ALA A 82 45.91 -26.60 -18.62
N GLN A 83 45.02 -25.87 -19.29
CA GLN A 83 44.31 -26.36 -20.46
C GLN A 83 44.92 -25.77 -21.72
N GLU A 84 44.60 -26.35 -22.87
CA GLU A 84 45.07 -25.77 -24.12
C GLU A 84 44.30 -24.46 -24.28
N ASN A 85 44.95 -23.44 -24.83
CA ASN A 85 44.26 -22.17 -25.04
C ASN A 85 43.01 -22.35 -25.90
N VAL A 86 42.00 -21.54 -25.62
CA VAL A 86 40.79 -21.56 -26.41
C VAL A 86 40.83 -20.26 -27.20
N THR A 87 40.72 -20.36 -28.53
N THR A 87 40.74 -20.34 -28.53
CA THR A 87 40.76 -19.18 -29.37
CA THR A 87 40.73 -19.11 -29.29
C THR A 87 39.34 -18.61 -29.58
C THR A 87 39.30 -18.57 -29.33
N ALA A 88 39.20 -17.28 -29.57
CA ALA A 88 37.90 -16.65 -29.73
C ALA A 88 37.66 -16.43 -31.21
N ALA A 89 36.39 -16.51 -31.60
CA ALA A 89 35.99 -16.30 -32.98
C ALA A 89 35.28 -14.96 -33.13
N TYR A 90 35.46 -14.31 -34.28
CA TYR A 90 34.78 -13.06 -34.57
C TYR A 90 33.27 -13.26 -34.49
N ASP A 91 32.60 -12.34 -33.78
CA ASP A 91 31.13 -12.38 -33.64
C ASP A 91 30.52 -11.23 -34.45
N TYR A 92 30.78 -9.99 -34.06
CA TYR A 92 30.28 -8.85 -34.82
C TYR A 92 31.10 -7.60 -34.47
N ASN A 93 31.01 -6.58 -35.30
CA ASN A 93 31.60 -5.26 -35.03
C ASN A 93 30.50 -4.26 -34.70
N SER A 94 30.79 -3.32 -33.82
CA SER A 94 29.85 -2.27 -33.51
C SER A 94 30.63 -1.08 -33.00
N GLY A 95 30.35 0.10 -33.51
CA GLY A 95 31.08 1.30 -33.11
C GLY A 95 32.56 1.14 -33.43
N ASN A 96 33.41 1.36 -32.44
CA ASN A 96 34.87 1.29 -32.57
C ASN A 96 35.41 -0.07 -32.15
N ASN A 97 34.51 -1.03 -31.88
CA ASN A 97 34.89 -2.31 -31.31
C ASN A 97 34.55 -3.55 -32.11
N THR A 98 35.32 -4.60 -31.85
CA THR A 98 35.04 -5.92 -32.38
C THR A 98 34.64 -6.79 -31.19
N TYR A 99 33.63 -7.62 -31.37
CA TYR A 99 33.15 -8.53 -30.35
C TYR A 99 33.45 -9.94 -30.78
N TRP A 100 33.88 -10.74 -29.82
CA TRP A 100 34.35 -12.09 -30.03
C TRP A 100 33.70 -13.06 -29.07
N LYS A 101 33.60 -14.33 -29.46
CA LYS A 101 33.07 -15.38 -28.58
C LYS A 101 34.06 -16.54 -28.41
N ALA A 102 34.31 -16.91 -27.17
CA ALA A 102 35.17 -18.06 -26.87
C ALA A 102 34.29 -19.08 -26.17
N ASP A 103 34.41 -20.32 -26.59
CA ASP A 103 33.58 -21.38 -26.07
C ASP A 103 34.44 -22.29 -25.21
N LEU A 104 34.22 -22.27 -23.90
CA LEU A 104 34.93 -23.15 -23.00
C LEU A 104 34.33 -24.55 -22.88
N GLY A 105 33.15 -24.78 -23.44
CA GLY A 105 32.47 -26.07 -23.34
C GLY A 105 31.69 -26.23 -22.05
N LYS A 106 31.35 -27.48 -21.74
CA LYS A 106 30.60 -27.86 -20.55
C LYS A 106 31.49 -28.39 -19.43
N PHE A 107 30.96 -28.37 -18.21
CA PHE A 107 31.71 -28.80 -17.05
C PHE A 107 30.88 -29.69 -16.15
N GLU A 108 31.57 -30.30 -15.20
CA GLU A 108 30.94 -31.17 -14.19
C GLU A 108 30.90 -30.47 -12.85
N LYS A 109 29.94 -30.88 -12.03
CA LYS A 109 29.81 -30.34 -10.68
C LYS A 109 31.14 -30.46 -9.95
N GLY A 110 31.57 -29.39 -9.30
CA GLY A 110 32.84 -29.37 -8.54
C GLY A 110 34.03 -28.80 -9.35
N ASP A 111 33.90 -28.71 -10.66
CA ASP A 111 34.99 -28.17 -11.47
C ASP A 111 35.25 -26.71 -11.10
N GLU A 112 36.52 -26.37 -10.91
CA GLU A 112 36.94 -25.00 -10.62
C GLU A 112 37.69 -24.50 -11.84
N ILE A 113 37.16 -23.46 -12.47
CA ILE A 113 37.72 -22.91 -13.70
C ILE A 113 38.25 -21.51 -13.47
N THR A 114 39.50 -21.26 -13.86
CA THR A 114 40.13 -19.95 -13.75
C THR A 114 40.66 -19.52 -15.10
N TYR A 115 40.29 -18.33 -15.56
CA TYR A 115 40.71 -17.91 -16.89
C TYR A 115 41.04 -16.43 -16.98
N THR A 116 41.80 -16.13 -18.02
CA THR A 116 42.20 -14.79 -18.38
C THR A 116 42.01 -14.66 -19.88
N THR A 117 41.32 -13.61 -20.30
CA THR A 117 41.06 -13.34 -21.70
C THR A 117 42.14 -12.39 -22.19
N LYS A 118 42.63 -12.61 -23.41
CA LYS A 118 43.74 -11.82 -23.93
C LYS A 118 43.53 -11.46 -25.39
N GLY A 119 44.07 -10.31 -25.76
CA GLY A 119 44.05 -9.84 -27.13
C GLY A 119 45.39 -9.20 -27.52
N SER A 120 45.77 -9.37 -28.77
CA SER A 120 46.97 -8.71 -29.31
C SER A 120 46.85 -8.62 -30.82
N THR A 121 47.54 -7.64 -31.38
CA THR A 121 47.52 -7.43 -32.82
C THR A 121 48.89 -7.74 -33.39
N ASN A 122 48.90 -8.62 -34.39
CA ASN A 122 50.14 -9.02 -35.06
C ASN A 122 51.27 -9.38 -34.10
N GLY A 123 50.94 -10.16 -33.07
CA GLY A 123 51.90 -10.58 -32.05
C GLY A 123 52.52 -9.46 -31.22
N GLY A 124 51.96 -8.26 -31.32
CA GLY A 124 52.47 -7.09 -30.59
C GLY A 124 51.95 -7.08 -29.17
N THR A 125 51.88 -5.88 -28.59
CA THR A 125 51.40 -5.69 -27.21
C THR A 125 50.11 -6.47 -26.91
N ALA A 126 50.11 -7.19 -25.79
CA ALA A 126 48.94 -7.97 -25.35
C ALA A 126 48.19 -7.22 -24.26
N TYR A 127 46.87 -7.26 -24.33
CA TYR A 127 46.00 -6.66 -23.34
C TYR A 127 45.19 -7.79 -22.76
N GLU A 128 44.88 -7.69 -21.48
CA GLU A 128 44.19 -8.80 -20.85
C GLU A 128 43.23 -8.43 -19.74
N SER A 129 42.33 -9.36 -19.46
CA SER A 129 41.34 -9.22 -18.39
C SER A 129 41.32 -10.49 -17.55
N GLY A 130 41.28 -10.33 -16.22
CA GLY A 130 41.21 -11.44 -15.30
C GLY A 130 42.36 -11.42 -14.31
N PRO A 131 42.64 -12.56 -13.67
CA PRO A 131 41.97 -13.85 -13.81
C PRO A 131 40.59 -13.82 -13.18
N PHE A 132 39.71 -14.66 -13.70
CA PHE A 132 38.35 -14.81 -13.20
C PHE A 132 38.17 -16.26 -12.91
N THR A 133 37.48 -16.56 -11.80
CA THR A 133 37.24 -17.91 -11.36
C THR A 133 35.74 -18.17 -11.18
N PHE A 134 35.29 -19.36 -11.58
CA PHE A 134 33.95 -19.85 -11.27
C PHE A 134 33.98 -21.31 -10.82
N TYR A 135 33.01 -21.66 -10.00
CA TYR A 135 32.87 -23.00 -9.44
C TYR A 135 31.56 -23.56 -9.99
N VAL A 136 31.65 -24.72 -10.62
CA VAL A 136 30.51 -25.34 -11.27
C VAL A 136 29.65 -26.09 -10.25
N THR A 137 28.37 -25.76 -10.24
CA THR A 137 27.44 -26.27 -9.26
C THR A 137 26.33 -27.18 -9.78
N ASP A 138 25.66 -27.84 -8.85
CA ASP A 138 24.44 -28.54 -9.17
C ASP A 138 23.60 -28.60 -7.89
N TRP A 139 22.32 -28.89 -8.06
CA TRP A 139 21.41 -28.93 -6.94
C TRP A 139 21.49 -30.20 -6.11
N GLU A 140 21.40 -30.00 -4.80
CA GLU A 140 21.35 -31.08 -3.81
C GLU A 140 20.11 -30.75 -3.01
N TYR A 141 19.35 -31.78 -2.64
CA TYR A 141 18.12 -31.58 -1.88
C TYR A 141 18.09 -32.43 -0.64
N VAL A 142 17.24 -32.04 0.29
CA VAL A 142 16.99 -32.80 1.49
C VAL A 142 16.32 -34.11 1.05
N GLN A 143 16.73 -35.19 1.68
CA GLN A 143 16.14 -36.50 1.42
C GLN A 143 15.24 -36.92 2.60
N ASP A 144 15.83 -37.45 3.67
CA ASP A 144 15.10 -37.94 4.84
C ASP A 144 15.54 -37.27 6.14
N VAL A 145 14.67 -37.31 7.15
CA VAL A 145 15.01 -36.85 8.50
C VAL A 145 15.59 -38.07 9.19
N THR A 146 16.84 -37.99 9.61
CA THR A 146 17.44 -39.13 10.29
C THR A 146 17.33 -39.06 11.82
N SER A 147 17.26 -37.86 12.37
CA SER A 147 17.02 -37.69 13.82
C SER A 147 16.48 -36.30 14.10
N VAL A 148 15.76 -36.19 15.21
CA VAL A 148 15.15 -34.96 15.66
C VAL A 148 15.72 -34.69 17.07
N VAL A 149 16.11 -33.46 17.33
CA VAL A 149 16.60 -33.05 18.65
C VAL A 149 15.76 -31.87 19.07
N ASP A 150 15.00 -32.04 20.16
CA ASP A 150 14.15 -30.96 20.67
C ASP A 150 14.86 -30.31 21.85
N ASN A 151 15.38 -29.11 21.60
CA ASN A 151 16.12 -28.33 22.59
C ASN A 151 15.24 -27.42 23.46
N GLY A 152 13.91 -27.56 23.37
CA GLY A 152 12.99 -26.74 24.19
C GLY A 152 12.60 -25.38 23.59
N ASP A 153 13.55 -24.70 22.97
CA ASP A 153 13.29 -23.41 22.32
C ASP A 153 13.67 -23.43 20.81
N SER A 154 13.95 -24.62 20.29
CA SER A 154 14.31 -24.84 18.90
C SER A 154 14.37 -26.33 18.65
N ILE A 155 14.09 -26.73 17.43
CA ILE A 155 14.15 -28.12 17.05
C ILE A 155 15.14 -28.27 15.91
N THR A 156 16.00 -29.27 16.01
CA THR A 156 16.93 -29.57 14.94
C THR A 156 16.49 -30.83 14.21
N LEU A 157 16.36 -30.75 12.89
CA LEU A 157 16.11 -31.93 12.08
C LEU A 157 17.41 -32.26 11.38
N ASN A 158 18.00 -33.41 11.69
CA ASN A 158 19.22 -33.88 11.03
C ASN A 158 18.77 -34.63 9.81
N MSE A 159 19.36 -34.32 8.66
N MSE A 159 19.38 -34.29 8.67
CA MSE A 159 18.90 -34.96 7.44
CA MSE A 159 18.95 -34.84 7.39
C MSE A 159 19.98 -35.48 6.57
C MSE A 159 20.01 -35.49 6.56
O MSE A 159 21.16 -35.19 6.77
O MSE A 159 21.20 -35.28 6.79
CB MSE A 159 18.14 -33.89 6.65
CB MSE A 159 18.57 -33.64 6.52
CG MSE A 159 16.99 -33.27 7.46
CG MSE A 159 17.69 -32.65 7.29
SE MSE A 159 16.63 -31.48 6.72
SE MSE A 159 15.82 -33.27 7.15
CE MSE A 159 14.67 -31.53 6.94
CE MSE A 159 14.90 -31.53 7.16
N THR A 160 19.56 -36.31 5.60
CA THR A 160 20.43 -36.85 4.57
C THR A 160 20.14 -35.98 3.33
N ALA A 161 21.02 -36.02 2.33
CA ALA A 161 20.86 -35.25 1.10
C ALA A 161 20.77 -36.18 -0.10
N THR A 162 20.17 -35.71 -1.19
CA THR A 162 20.05 -36.52 -2.41
C THR A 162 21.36 -36.76 -3.13
N ALA A 163 22.36 -35.93 -2.86
CA ALA A 163 23.65 -36.02 -3.52
C ALA A 163 24.63 -35.24 -2.67
N GLY A 164 25.93 -35.45 -2.91
CA GLY A 164 26.94 -34.75 -2.16
C GLY A 164 27.23 -35.38 -0.82
N ASP A 165 28.14 -34.78 -0.08
CA ASP A 165 28.60 -35.33 1.18
C ASP A 165 28.30 -34.44 2.38
N PHE A 166 27.31 -33.56 2.27
CA PHE A 166 26.94 -32.72 3.40
C PHE A 166 26.04 -33.45 4.39
N SER A 167 25.95 -32.91 5.60
CA SER A 167 25.04 -33.41 6.64
C SER A 167 24.12 -32.25 7.03
N PRO A 168 23.11 -31.95 6.19
CA PRO A 168 22.26 -30.81 6.47
C PRO A 168 21.47 -30.88 7.77
N LYS A 169 21.20 -29.69 8.28
CA LYS A 169 20.38 -29.49 9.45
C LYS A 169 19.37 -28.40 9.19
N LEU A 170 18.11 -28.68 9.50
CA LEU A 170 17.03 -27.71 9.37
C LEU A 170 16.56 -27.43 10.78
N TYR A 171 16.57 -26.16 11.16
CA TYR A 171 16.15 -25.73 12.45
C TYR A 171 14.78 -25.09 12.41
N LEU A 172 13.92 -25.52 13.32
CA LEU A 172 12.59 -24.94 13.47
C LEU A 172 12.51 -24.17 14.78
N SER A 173 11.96 -22.98 14.73
CA SER A 173 11.72 -22.17 15.92
C SER A 173 10.48 -21.34 15.75
N PHE A 174 9.95 -20.82 16.85
CA PHE A 174 8.74 -20.00 16.81
C PHE A 174 9.00 -18.57 17.19
N GLU A 175 8.77 -17.66 16.24
CA GLU A 175 8.88 -16.23 16.52
C GLU A 175 7.72 -15.84 17.41
N ASP A 176 6.60 -16.53 17.22
CA ASP A 176 5.48 -16.46 18.16
C ASP A 176 4.69 -17.76 17.98
N LEU A 177 3.65 -18.00 18.79
CA LEU A 177 2.94 -19.28 18.68
C LEU A 177 2.28 -19.54 17.31
N ASP A 178 2.06 -18.46 16.54
CA ASP A 178 1.47 -18.56 15.21
C ASP A 178 2.43 -18.20 14.09
N THR A 179 3.72 -18.11 14.37
CA THR A 179 4.70 -17.69 13.38
C THR A 179 5.93 -18.60 13.44
N LEU A 180 6.08 -19.45 12.43
CA LEU A 180 7.13 -20.47 12.36
C LEU A 180 8.32 -20.02 11.54
N ARG A 181 9.53 -20.27 12.05
CA ARG A 181 10.78 -19.90 11.36
C ARG A 181 11.56 -21.15 11.01
N MSE A 182 11.99 -21.22 9.75
CA MSE A 182 12.82 -22.30 9.25
C MSE A 182 14.17 -21.76 8.88
O MSE A 182 14.25 -20.78 8.15
CB MSE A 182 12.18 -22.85 7.99
CG MSE A 182 11.59 -24.21 8.25
SE MSE A 182 9.82 -23.85 9.04
CE MSE A 182 9.20 -23.98 7.21
N GLU A 183 15.23 -22.37 9.40
CA GLU A 183 16.60 -22.00 9.07
C GLU A 183 17.37 -23.24 8.62
N LEU A 184 17.82 -23.25 7.36
CA LEU A 184 18.55 -24.39 6.80
C LEU A 184 20.05 -24.13 6.69
N SER A 185 20.84 -25.07 7.24
CA SER A 185 22.28 -25.10 7.11
C SER A 185 22.62 -26.34 6.28
N PRO A 186 22.90 -26.15 4.97
CA PRO A 186 23.18 -27.31 4.14
C PRO A 186 24.36 -28.14 4.63
N THR A 187 25.42 -27.49 5.11
CA THR A 187 26.59 -28.24 5.65
C THR A 187 26.40 -28.71 7.09
N GLY A 188 25.42 -28.16 7.79
CA GLY A 188 25.17 -28.50 9.19
C GLY A 188 26.11 -27.77 10.14
N LYS A 189 26.95 -26.88 9.63
CA LYS A 189 27.95 -26.21 10.45
C LYS A 189 27.46 -24.95 11.14
N GLU A 190 26.32 -24.44 10.71
CA GLU A 190 25.71 -23.27 11.33
C GLU A 190 24.54 -23.72 12.21
N THR A 191 24.17 -22.88 13.16
CA THR A 191 23.12 -23.20 14.12
C THR A 191 22.00 -22.16 14.05
N GLY A 192 20.76 -22.63 14.15
CA GLY A 192 19.60 -21.77 14.08
C GLY A 192 19.43 -20.98 15.38
N HIS A 193 18.52 -20.03 15.35
CA HIS A 193 18.23 -19.21 16.52
C HIS A 193 17.14 -19.75 17.37
N ALA A 194 17.21 -19.42 18.66
CA ALA A 194 16.15 -19.76 19.59
C ALA A 194 14.87 -18.99 19.29
N GLY A 195 13.75 -19.54 19.71
CA GLY A 195 12.44 -18.89 19.63
C GLY A 195 11.66 -19.17 20.91
N LYS A 196 10.33 -19.07 20.84
CA LYS A 196 9.47 -19.32 21.99
C LYS A 196 9.47 -20.80 22.40
N SER A 197 9.31 -21.08 23.69
N SER A 197 9.31 -21.07 23.70
CA SER A 197 9.28 -22.45 24.19
CA SER A 197 9.30 -22.42 24.24
C SER A 197 7.89 -23.04 24.34
C SER A 197 7.89 -23.03 24.36
N GLY A 198 6.85 -22.27 24.00
CA GLY A 198 5.47 -22.79 24.09
C GLY A 198 5.00 -23.79 23.03
N TYR A 199 5.72 -24.89 22.81
CA TYR A 199 5.33 -25.93 21.85
C TYR A 199 5.60 -27.31 22.42
N THR A 200 4.91 -28.31 21.86
CA THR A 200 5.06 -29.71 22.22
C THR A 200 5.37 -30.51 20.95
N VAL A 201 6.07 -31.63 21.12
CA VAL A 201 6.47 -32.45 20.00
C VAL A 201 6.04 -33.88 20.22
N GLU A 202 5.51 -34.50 19.15
CA GLU A 202 5.21 -35.93 19.16
C GLU A 202 6.10 -36.51 18.07
N ASP A 203 7.10 -37.28 18.47
CA ASP A 203 8.10 -37.82 17.57
C ASP A 203 7.95 -39.34 17.44
N THR A 204 7.66 -39.81 16.22
CA THR A 204 7.52 -41.23 15.97
C THR A 204 8.51 -41.63 14.89
N ALA A 205 8.62 -42.93 14.64
CA ALA A 205 9.56 -43.40 13.64
C ALA A 205 9.35 -42.80 12.25
N GLU A 206 8.09 -42.59 11.86
CA GLU A 206 7.79 -42.09 10.52
C GLU A 206 7.45 -40.62 10.42
N LYS A 207 7.18 -39.96 11.55
CA LYS A 207 6.67 -38.61 11.50
C LYS A 207 6.94 -37.85 12.78
N VAL A 208 7.12 -36.54 12.65
CA VAL A 208 7.22 -35.70 13.82
C VAL A 208 6.18 -34.60 13.69
N THR A 209 5.40 -34.37 14.74
CA THR A 209 4.38 -33.32 14.74
C THR A 209 4.72 -32.31 15.83
N VAL A 210 4.72 -31.03 15.46
CA VAL A 210 5.04 -29.93 16.38
C VAL A 210 3.78 -29.10 16.53
N THR A 211 3.37 -28.89 17.77
CA THR A 211 2.10 -28.26 18.06
C THR A 211 2.20 -27.07 19.01
N THR A 212 1.47 -25.99 18.69
CA THR A 212 1.29 -24.86 19.61
C THR A 212 -0.22 -24.62 19.68
N GLU A 213 -0.66 -23.66 20.47
CA GLU A 213 -2.10 -23.39 20.53
C GLU A 213 -2.68 -22.86 19.19
N ASP A 214 -1.81 -22.43 18.26
CA ASP A 214 -2.25 -21.86 16.96
C ASP A 214 -1.87 -22.69 15.73
N LEU A 215 -0.87 -23.55 15.85
CA LEU A 215 -0.34 -24.32 14.71
C LEU A 215 -0.13 -25.80 15.01
N SER A 216 -0.23 -26.61 13.96
CA SER A 216 0.07 -28.04 13.99
C SER A 216 0.94 -28.27 12.75
N ILE A 217 2.22 -28.55 12.98
CA ILE A 217 3.20 -28.75 11.91
C ILE A 217 3.46 -30.24 11.79
N GLU A 218 3.10 -30.84 10.65
CA GLU A 218 3.27 -32.27 10.44
C GLU A 218 4.41 -32.51 9.50
N ILE A 219 5.40 -33.28 9.97
CA ILE A 219 6.58 -33.54 9.17
C ILE A 219 6.83 -35.04 8.96
N GLN A 220 6.65 -35.50 7.73
CA GLN A 220 6.99 -36.87 7.40
C GLN A 220 8.51 -36.96 7.34
N LYS A 221 9.07 -38.08 7.79
CA LYS A 221 10.51 -38.26 7.84
C LYS A 221 11.19 -38.90 6.63
N SER A 222 10.49 -39.79 5.93
N SER A 222 10.50 -39.78 5.92
CA SER A 222 11.08 -40.52 4.80
CA SER A 222 11.11 -40.47 4.79
C SER A 222 10.11 -40.70 3.64
C SER A 222 10.13 -40.70 3.65
N PRO A 223 10.17 -39.83 2.63
CA PRO A 223 11.05 -38.67 2.54
C PRO A 223 10.53 -37.49 3.37
N TYR A 224 11.43 -36.57 3.68
CA TYR A 224 11.10 -35.36 4.41
C TYR A 224 10.05 -34.55 3.69
N ARG A 225 8.99 -34.17 4.39
CA ARG A 225 7.95 -33.28 3.81
C ARG A 225 7.17 -32.60 4.93
N MSE A 226 7.02 -31.27 4.84
CA MSE A 226 6.30 -30.51 5.87
C MSE A 226 4.93 -30.00 5.41
O MSE A 226 4.80 -29.52 4.28
CB MSE A 226 7.10 -29.25 6.22
CG MSE A 226 6.43 -28.42 7.30
SE MSE A 226 7.49 -26.79 7.68
CE MSE A 226 9.06 -27.68 8.41
N GLU A 227 3.96 -30.12 6.30
N GLU A 227 3.95 -30.12 6.29
CA GLU A 227 2.62 -29.58 6.12
CA GLU A 227 2.61 -29.58 6.07
C GLU A 227 2.37 -28.66 7.29
C GLU A 227 2.31 -28.69 7.27
N VAL A 228 1.91 -27.44 7.01
CA VAL A 228 1.59 -26.49 8.09
C VAL A 228 0.07 -26.38 8.20
N HIS A 229 -0.44 -26.70 9.38
CA HIS A 229 -1.88 -26.64 9.64
C HIS A 229 -2.14 -25.68 10.79
N GLN A 230 -3.36 -25.18 10.83
CA GLN A 230 -3.85 -24.43 11.98
C GLN A 230 -4.04 -25.47 13.08
N ALA A 231 -4.27 -25.04 14.32
CA ALA A 231 -4.44 -25.98 15.43
C ALA A 231 -5.62 -26.92 15.23
N ASP A 232 -6.69 -26.45 14.61
CA ASP A 232 -7.87 -27.30 14.36
C ASP A 232 -7.71 -28.30 13.20
N GLY A 233 -6.54 -28.36 12.57
CA GLY A 233 -6.29 -29.30 11.47
C GLY A 233 -6.37 -28.76 10.04
N THR A 234 -6.93 -27.57 9.87
CA THR A 234 -7.08 -26.96 8.55
C THR A 234 -5.72 -26.70 7.92
N LEU A 235 -5.52 -27.17 6.68
CA LEU A 235 -4.25 -27.00 6.00
C LEU A 235 -4.08 -25.56 5.58
N LEU A 236 -2.92 -25.00 5.90
CA LEU A 236 -2.54 -23.65 5.46
C LEU A 236 -1.76 -23.77 4.15
N THR A 237 -0.60 -24.45 4.21
CA THR A 237 0.20 -24.74 3.02
C THR A 237 1.12 -25.93 3.31
N SER A 238 1.74 -26.47 2.28
CA SER A 238 2.59 -27.64 2.42
C SER A 238 3.63 -27.71 1.33
N GLU A 239 4.74 -28.38 1.62
CA GLU A 239 5.75 -28.63 0.60
C GLU A 239 5.19 -29.52 -0.50
N TYR A 240 5.81 -29.45 -1.67
CA TYR A 240 5.33 -30.15 -2.83
C TYR A 240 5.29 -31.66 -2.62
N THR A 241 4.25 -32.25 -3.20
CA THR A 241 3.87 -33.64 -3.01
C THR A 241 4.98 -34.66 -3.16
N THR A 242 5.81 -34.50 -4.17
CA THR A 242 6.86 -35.47 -4.44
C THR A 242 8.10 -35.30 -3.55
N ALA A 243 8.03 -34.36 -2.59
CA ALA A 243 9.10 -34.15 -1.61
C ALA A 243 10.44 -33.77 -2.27
N ASN A 244 11.57 -33.95 -1.57
CA ASN A 244 12.89 -33.42 -2.03
C ASN A 244 12.70 -31.95 -2.45
N SER A 245 11.86 -31.24 -1.70
CA SER A 245 11.46 -29.90 -2.10
C SER A 245 12.50 -28.83 -1.77
N LEU A 246 13.23 -29.04 -0.69
CA LEU A 246 14.14 -28.03 -0.15
C LEU A 246 15.54 -28.33 -0.63
N GLY A 247 16.17 -27.37 -1.28
CA GLY A 247 17.49 -27.60 -1.87
C GLY A 247 18.40 -26.39 -1.95
N TRP A 248 19.65 -26.69 -2.31
CA TRP A 248 20.71 -25.71 -2.41
C TRP A 248 21.62 -26.03 -3.61
N LEU A 249 22.16 -24.98 -4.20
CA LEU A 249 23.00 -25.08 -5.37
C LEU A 249 24.45 -24.93 -4.98
N THR A 250 25.25 -25.98 -5.17
CA THR A 250 26.62 -25.96 -4.68
C THR A 250 27.61 -26.75 -5.52
N ASP A 251 28.90 -26.44 -5.38
CA ASP A 251 29.94 -27.20 -6.03
C ASP A 251 30.40 -28.33 -5.11
N GLY A 252 29.84 -28.34 -3.90
CA GLY A 252 30.15 -29.31 -2.87
C GLY A 252 31.37 -29.00 -2.04
N LYS A 253 32.05 -27.87 -2.30
CA LYS A 253 33.34 -27.58 -1.67
C LYS A 253 33.60 -26.12 -1.30
N ASN A 254 33.34 -25.18 -2.22
CA ASN A 254 33.63 -23.76 -1.99
C ASN A 254 32.43 -22.81 -1.94
N VAL A 255 31.32 -23.23 -2.55
CA VAL A 255 30.24 -22.33 -2.78
C VAL A 255 28.82 -22.88 -2.67
N ILE A 256 27.93 -22.03 -2.13
CA ILE A 256 26.47 -22.25 -2.16
C ILE A 256 25.94 -20.98 -2.82
N ASN A 257 25.39 -21.10 -4.03
CA ASN A 257 24.95 -19.95 -4.79
C ASN A 257 23.46 -19.67 -4.81
N GLN A 258 22.63 -20.66 -4.49
CA GLN A 258 21.18 -20.46 -4.49
C GLN A 258 20.51 -21.45 -3.57
N TYR A 259 19.32 -21.09 -3.12
CA TYR A 259 18.49 -21.97 -2.34
C TYR A 259 17.12 -22.04 -2.99
N GLN A 260 16.39 -23.12 -2.73
CA GLN A 260 15.00 -23.17 -3.19
C GLN A 260 14.13 -24.03 -2.29
N ASN A 261 12.83 -23.73 -2.28
CA ASN A 261 11.85 -24.64 -1.71
C ASN A 261 10.61 -24.59 -2.64
N ASN A 262 9.82 -25.65 -2.60
CA ASN A 262 8.71 -25.86 -3.51
C ASN A 262 7.51 -26.33 -2.70
N PHE A 263 6.33 -25.80 -3.05
CA PHE A 263 5.10 -25.98 -2.28
C PHE A 263 3.90 -26.33 -3.16
N MSE A 264 2.95 -27.07 -2.58
N MSE A 264 2.95 -27.05 -2.58
CA MSE A 264 1.75 -27.45 -3.31
CA MSE A 264 1.76 -27.46 -3.28
C MSE A 264 0.73 -26.37 -3.17
C MSE A 264 0.71 -26.37 -3.16
O MSE A 264 0.53 -25.84 -2.08
O MSE A 264 0.51 -25.85 -2.07
CB MSE A 264 1.18 -28.77 -2.78
CB MSE A 264 1.28 -28.76 -2.65
CG MSE A 264 -0.14 -29.14 -3.45
CG MSE A 264 -0.13 -29.10 -3.05
SE MSE A 264 -0.51 -31.04 -3.05
SE MSE A 264 -0.13 -29.80 -4.87
CE MSE A 264 -0.42 -30.94 -1.10
CE MSE A 264 -1.99 -29.24 -5.16
N THR A 265 0.07 -26.04 -4.28
CA THR A 265 -0.96 -24.99 -4.31
C THR A 265 -2.19 -25.36 -5.16
N PRO A 266 -3.41 -25.34 -4.56
CA PRO A 266 -4.61 -25.65 -5.34
C PRO A 266 -4.88 -24.57 -6.38
N SER A 267 -5.65 -24.91 -7.41
N SER A 267 -5.64 -24.90 -7.43
CA SER A 267 -5.91 -24.01 -8.53
CA SER A 267 -5.83 -23.96 -8.53
C SER A 267 -6.46 -22.64 -8.19
C SER A 267 -6.43 -22.61 -8.17
N ASP A 268 -7.27 -22.56 -7.14
CA ASP A 268 -7.91 -21.31 -6.74
C ASP A 268 -7.11 -20.42 -5.76
N GLU A 269 -5.92 -20.83 -5.35
CA GLU A 269 -5.19 -20.02 -4.39
C GLU A 269 -4.68 -18.69 -4.98
N ALA A 270 -4.92 -17.60 -4.26
CA ALA A 270 -4.49 -16.26 -4.68
C ALA A 270 -3.27 -15.79 -3.82
N PHE A 271 -2.34 -15.08 -4.43
CA PHE A 271 -1.12 -14.62 -3.76
C PHE A 271 -0.96 -13.11 -3.90
N TYR A 272 -0.89 -12.44 -2.75
CA TYR A 272 -0.90 -10.98 -2.73
C TYR A 272 0.39 -10.40 -2.14
N GLY A 273 0.67 -9.14 -2.47
CA GLY A 273 1.84 -8.42 -1.90
C GLY A 273 3.05 -8.37 -2.80
N PHE A 274 4.18 -8.90 -2.29
CA PHE A 274 5.47 -8.93 -2.94
C PHE A 274 6.04 -7.52 -3.11
N GLY A 275 5.63 -6.61 -2.24
CA GLY A 275 6.01 -5.22 -2.34
C GLY A 275 4.95 -4.43 -3.08
N GLU A 276 5.39 -3.49 -3.91
CA GLU A 276 4.50 -2.65 -4.70
C GLU A 276 4.53 -3.16 -6.14
N ARG A 277 3.40 -3.65 -6.60
CA ARG A 277 3.26 -4.25 -7.93
C ARG A 277 2.21 -3.53 -8.75
N TYR A 278 2.55 -3.30 -10.02
CA TYR A 278 1.76 -2.47 -10.91
C TYR A 278 0.95 -3.22 -11.94
N ASP A 279 1.28 -4.50 -12.12
CA ASP A 279 0.61 -5.34 -13.15
C ASP A 279 -0.68 -6.02 -12.72
N THR A 280 -0.69 -6.53 -11.49
CA THR A 280 -1.83 -7.26 -10.95
C THR A 280 -1.70 -7.31 -9.42
N ILE A 281 -2.81 -7.45 -8.72
CA ILE A 281 -2.77 -7.65 -7.27
C ILE A 281 -2.70 -9.15 -6.91
N ASN A 282 -2.96 -10.03 -7.86
CA ASN A 282 -2.88 -11.48 -7.64
C ASN A 282 -1.80 -12.03 -8.55
N GLN A 283 -0.68 -12.44 -7.95
CA GLN A 283 0.49 -12.85 -8.75
C GLN A 283 0.44 -14.31 -9.22
N ARG A 284 -0.66 -15.03 -9.00
CA ARG A 284 -0.71 -16.40 -9.49
C ARG A 284 -0.47 -16.39 -11.01
N GLY A 285 0.40 -17.28 -11.46
CA GLY A 285 0.76 -17.42 -12.86
C GLY A 285 2.04 -16.69 -13.24
N LYS A 286 2.57 -15.87 -12.33
CA LYS A 286 3.76 -15.07 -12.63
C LYS A 286 5.02 -15.48 -11.89
N ASP A 287 6.17 -15.16 -12.50
CA ASP A 287 7.48 -15.23 -11.83
C ASP A 287 7.73 -13.81 -11.30
N VAL A 288 7.80 -13.67 -9.98
CA VAL A 288 7.90 -12.36 -9.35
C VAL A 288 9.34 -12.18 -8.90
N GLU A 289 9.98 -11.12 -9.39
CA GLU A 289 11.37 -10.86 -9.05
C GLU A 289 11.44 -9.89 -7.87
N THR A 290 12.15 -10.25 -6.80
CA THR A 290 12.36 -9.35 -5.68
C THR A 290 13.61 -8.56 -6.05
N TYR A 291 13.39 -7.47 -6.76
CA TYR A 291 14.48 -6.68 -7.32
C TYR A 291 14.03 -5.25 -7.52
N VAL A 292 14.65 -4.33 -6.79
CA VAL A 292 14.31 -2.92 -6.94
C VAL A 292 14.85 -2.40 -8.27
N TYR A 293 14.06 -1.54 -8.93
CA TYR A 293 14.47 -0.98 -10.21
C TYR A 293 13.72 0.33 -10.49
N ASN A 294 14.43 1.26 -11.13
CA ASN A 294 13.83 2.53 -11.57
C ASN A 294 13.33 2.38 -13.01
N GLU A 295 12.05 2.07 -13.15
CA GLU A 295 11.41 1.94 -14.45
C GLU A 295 10.41 3.07 -14.61
N TYR A 296 10.66 3.91 -15.60
CA TYR A 296 9.85 5.09 -15.86
C TYR A 296 8.63 4.76 -16.71
N GLN A 297 7.44 5.07 -16.17
CA GLN A 297 6.15 4.99 -16.86
C GLN A 297 5.58 3.64 -17.21
N ASP A 298 6.41 2.63 -17.46
CA ASP A 298 5.84 1.35 -17.93
C ASP A 298 6.10 0.23 -16.96
N GLN A 299 5.88 0.54 -15.68
CA GLN A 299 6.11 -0.45 -14.64
C GLN A 299 5.20 -1.67 -14.81
N ALA A 300 3.94 -1.45 -15.18
CA ALA A 300 2.99 -2.55 -15.28
C ALA A 300 3.36 -3.50 -16.40
N GLN A 301 3.69 -2.92 -17.56
CA GLN A 301 4.00 -3.69 -18.76
C GLN A 301 5.28 -4.49 -18.60
N THR A 302 6.30 -3.88 -18.00
CA THR A 302 7.59 -4.56 -17.75
C THR A 302 7.58 -5.42 -16.49
N GLU A 303 6.56 -5.26 -15.65
CA GLU A 303 6.44 -5.98 -14.35
C GLU A 303 7.62 -5.66 -13.43
N ARG A 304 7.98 -4.39 -13.35
CA ARG A 304 9.09 -3.90 -12.55
C ARG A 304 8.54 -3.01 -11.46
N THR A 305 9.39 -2.74 -10.48
CA THR A 305 9.01 -1.90 -9.35
C THR A 305 10.18 -1.28 -8.62
N TYR A 306 9.92 -0.13 -7.99
CA TYR A 306 10.90 0.55 -7.17
C TYR A 306 10.94 -0.07 -5.77
N LEU A 307 9.90 -0.81 -5.39
CA LEU A 307 9.77 -1.28 -4.00
C LEU A 307 9.37 -2.74 -4.02
N ALA A 308 10.35 -3.60 -3.72
CA ALA A 308 10.21 -5.02 -3.84
C ALA A 308 10.44 -5.66 -2.50
N VAL A 309 9.52 -6.52 -2.07
CA VAL A 309 9.61 -7.15 -0.75
C VAL A 309 9.39 -8.64 -0.89
N PRO A 310 10.26 -9.47 -0.30
CA PRO A 310 10.12 -10.94 -0.42
C PRO A 310 9.11 -11.51 0.59
N PHE A 311 7.90 -10.98 0.58
CA PHE A 311 6.81 -11.36 1.48
C PHE A 311 5.51 -11.37 0.69
N PHE A 312 4.74 -12.44 0.85
CA PHE A 312 3.39 -12.50 0.25
C PHE A 312 2.39 -13.04 1.26
N VAL A 313 1.12 -12.73 1.03
CA VAL A 313 0.01 -13.21 1.82
C VAL A 313 -0.90 -13.96 0.87
N SER A 314 -1.30 -15.15 1.30
CA SER A 314 -2.22 -16.00 0.57
C SER A 314 -3.62 -15.95 1.18
N ALA A 315 -4.66 -15.99 0.33
CA ALA A 315 -6.04 -16.01 0.85
C ALA A 315 -6.36 -17.32 1.54
N ASN A 316 -5.44 -18.30 1.47
CA ASN A 316 -5.55 -19.53 2.26
C ASN A 316 -5.04 -19.36 3.69
N LYS A 317 -4.85 -18.10 4.10
CA LYS A 317 -4.65 -17.71 5.50
C LYS A 317 -3.25 -17.91 6.08
N TYR A 318 -2.25 -17.61 5.29
CA TYR A 318 -0.85 -17.60 5.76
C TYR A 318 -0.07 -16.59 4.93
N GLY A 319 1.07 -16.18 5.45
CA GLY A 319 2.01 -15.38 4.72
C GLY A 319 3.33 -16.11 4.70
N MSE A 320 4.19 -15.75 3.75
CA MSE A 320 5.52 -16.34 3.67
C MSE A 320 6.48 -15.21 3.48
O MSE A 320 6.29 -14.36 2.60
CB MSE A 320 5.65 -17.36 2.52
CG MSE A 320 6.97 -18.10 2.61
SE MSE A 320 7.16 -19.54 1.29
CE MSE A 320 5.82 -20.68 2.14
N TYR A 321 7.53 -15.18 4.32
CA TYR A 321 8.56 -14.16 4.25
C TYR A 321 9.93 -14.80 4.16
N VAL A 322 10.66 -14.53 3.08
CA VAL A 322 12.01 -15.03 2.90
C VAL A 322 12.94 -13.93 3.40
N ASN A 323 13.62 -14.21 4.50
CA ASN A 323 14.42 -13.21 5.19
C ASN A 323 15.80 -13.08 4.59
N SER A 324 15.89 -12.33 3.50
CA SER A 324 17.16 -12.07 2.88
C SER A 324 17.04 -10.85 1.99
N ASP A 325 18.13 -10.09 1.90
CA ASP A 325 18.16 -8.94 1.01
C ASP A 325 18.64 -9.32 -0.41
N PHE A 326 19.15 -10.56 -0.58
CA PHE A 326 19.50 -11.01 -1.92
C PHE A 326 18.27 -11.07 -2.83
N HIS A 327 18.50 -10.94 -4.12
CA HIS A 327 17.43 -11.16 -5.09
C HIS A 327 16.87 -12.56 -4.93
N SER A 328 15.54 -12.68 -5.03
CA SER A 328 14.82 -13.93 -5.05
C SER A 328 13.79 -13.89 -6.18
N GLN A 329 13.40 -15.06 -6.66
CA GLN A 329 12.35 -15.19 -7.67
C GLN A 329 11.27 -16.06 -7.07
N PHE A 330 10.03 -15.57 -7.07
CA PHE A 330 8.89 -16.33 -6.59
C PHE A 330 8.12 -16.84 -7.82
N GLN A 331 8.13 -18.14 -8.02
CA GLN A 331 7.46 -18.77 -9.15
C GLN A 331 6.09 -19.23 -8.68
N MSE A 332 5.06 -18.43 -8.93
CA MSE A 332 3.71 -18.67 -8.37
C MSE A 332 2.81 -19.42 -9.31
O MSE A 332 1.96 -18.84 -10.01
CB MSE A 332 3.11 -17.36 -7.86
CG MSE A 332 4.07 -16.51 -7.02
SE MSE A 332 4.86 -17.45 -5.50
CE MSE A 332 3.30 -17.74 -4.36
N ALA A 333 2.99 -20.74 -9.36
CA ALA A 333 2.23 -21.60 -10.29
C ALA A 333 2.50 -21.15 -11.73
N SER A 334 3.73 -20.69 -11.96
CA SER A 334 4.14 -20.19 -13.27
C SER A 334 4.79 -21.29 -14.13
N LYS A 335 5.25 -22.37 -13.51
CA LYS A 335 5.90 -23.48 -14.23
C LYS A 335 5.05 -24.73 -14.23
N VAL A 336 4.55 -25.06 -13.05
CA VAL A 336 3.70 -26.24 -12.84
C VAL A 336 2.44 -25.70 -12.21
N GLU A 337 1.30 -26.10 -12.76
N GLU A 337 1.27 -26.06 -12.75
CA GLU A 337 -0.03 -25.62 -12.35
CA GLU A 337 0.00 -25.47 -12.30
C GLU A 337 -0.30 -25.62 -10.84
C GLU A 337 -0.33 -25.62 -10.81
N ASP A 338 0.21 -26.63 -10.14
CA ASP A 338 -0.08 -26.82 -8.70
C ASP A 338 1.17 -26.63 -7.82
N LYS A 339 2.15 -25.88 -8.31
CA LYS A 339 3.37 -25.67 -7.52
C LYS A 339 3.76 -24.21 -7.46
N TYR A 340 4.15 -23.74 -6.27
CA TYR A 340 4.82 -22.45 -6.17
C TYR A 340 6.20 -22.69 -5.53
N SER A 341 7.15 -21.87 -5.92
CA SER A 341 8.52 -22.01 -5.43
C SER A 341 9.20 -20.68 -5.23
N PHE A 342 10.24 -20.69 -4.40
CA PHE A 342 11.12 -19.54 -4.36
C PHE A 342 12.52 -20.02 -4.65
N VAL A 343 13.28 -19.17 -5.32
CA VAL A 343 14.68 -19.40 -5.61
C VAL A 343 15.38 -18.14 -5.09
N LEU A 344 16.22 -18.33 -4.09
CA LEU A 344 16.95 -17.26 -3.43
C LEU A 344 18.41 -17.27 -3.80
N ASP A 345 18.92 -16.13 -4.24
CA ASP A 345 20.32 -16.03 -4.56
C ASP A 345 21.17 -15.90 -3.30
N ASN A 346 22.47 -16.14 -3.50
CA ASN A 346 23.48 -16.03 -2.44
C ASN A 346 24.79 -15.62 -3.09
N ASP A 347 25.69 -15.06 -2.31
CA ASP A 347 27.00 -14.64 -2.82
C ASP A 347 28.06 -15.75 -2.81
N GLY A 348 27.66 -16.98 -2.52
CA GLY A 348 28.56 -18.10 -2.48
C GLY A 348 28.98 -18.49 -1.10
N ASP A 349 28.83 -17.60 -0.13
CA ASP A 349 29.23 -17.86 1.25
C ASP A 349 28.44 -19.04 1.83
N MSE A 350 29.17 -20.11 2.13
CA MSE A 350 28.60 -21.38 2.58
C MSE A 350 28.04 -21.30 3.98
O MSE A 350 27.40 -22.25 4.44
CB MSE A 350 29.66 -22.49 2.50
CG MSE A 350 30.27 -22.62 1.09
SE MSE A 350 31.48 -24.17 1.00
CE MSE A 350 30.03 -25.41 0.52
N THR A 351 28.31 -20.17 4.66
CA THR A 351 27.83 -19.96 6.03
C THR A 351 26.55 -19.16 6.13
N ASN A 352 26.01 -18.64 5.01
CA ASN A 352 24.72 -17.93 5.00
C ASN A 352 23.53 -18.91 4.94
N MSE A 353 22.81 -19.11 6.05
CA MSE A 353 21.69 -20.04 6.06
C MSE A 353 20.49 -19.50 5.33
O MSE A 353 20.31 -18.28 5.23
CB MSE A 353 21.20 -20.31 7.50
CG MSE A 353 22.13 -21.21 8.32
SE MSE A 353 21.35 -21.64 10.11
CE MSE A 353 21.57 -19.85 10.81
N LEU A 354 19.66 -20.39 4.81
CA LEU A 354 18.35 -20.02 4.27
C LEU A 354 17.47 -19.78 5.48
N ASP A 355 16.72 -18.68 5.50
CA ASP A 355 15.94 -18.26 6.67
C ASP A 355 14.57 -17.76 6.16
N TYR A 356 13.49 -18.48 6.46
CA TYR A 356 12.17 -18.03 6.04
C TYR A 356 11.13 -18.35 7.08
N TYR A 357 10.01 -17.65 6.99
CA TYR A 357 8.91 -17.77 7.92
C TYR A 357 7.58 -18.09 7.24
N VAL A 358 6.79 -18.94 7.91
CA VAL A 358 5.41 -19.20 7.54
C VAL A 358 4.62 -18.54 8.67
N ILE A 359 3.79 -17.58 8.31
CA ILE A 359 3.14 -16.69 9.25
C ILE A 359 1.63 -16.88 9.24
N SER A 360 1.06 -17.25 10.40
CA SER A 360 -0.38 -17.36 10.60
C SER A 360 -0.78 -16.19 11.48
N GLY A 361 -2.02 -16.17 11.90
CA GLY A 361 -2.52 -15.08 12.72
C GLY A 361 -4.03 -15.19 12.90
N LYS A 362 -4.60 -14.25 13.65
CA LYS A 362 -6.04 -14.27 13.94
C LYS A 362 -6.89 -14.00 12.70
N ASP A 363 -6.34 -13.21 11.78
CA ASP A 363 -6.99 -12.84 10.50
C ASP A 363 -5.91 -12.34 9.54
N GLN A 364 -6.27 -11.91 8.32
CA GLN A 364 -5.20 -11.55 7.35
C GLN A 364 -4.40 -10.34 7.77
N ASN A 365 -5.06 -9.37 8.40
CA ASN A 365 -4.37 -8.18 8.85
C ASN A 365 -3.40 -8.50 10.00
N ASP A 366 -3.75 -9.53 10.79
CA ASP A 366 -2.90 -9.96 11.89
C ASP A 366 -1.65 -10.63 11.32
N ILE A 367 -1.81 -11.31 10.17
CA ILE A 367 -0.65 -11.86 9.47
C ILE A 367 0.33 -10.74 9.13
N VAL A 368 -0.16 -9.63 8.59
CA VAL A 368 0.68 -8.46 8.29
C VAL A 368 1.28 -7.90 9.57
N ASN A 369 0.49 -7.85 10.64
CA ASN A 369 1.05 -7.41 11.92
C ASN A 369 2.25 -8.26 12.36
N ASN A 370 2.12 -9.58 12.22
CA ASN A 370 3.21 -10.49 12.63
C ASN A 370 4.46 -10.28 11.76
N TYR A 371 4.25 -10.03 10.48
CA TYR A 371 5.30 -9.71 9.55
C TYR A 371 6.03 -8.43 10.02
N THR A 372 5.29 -7.41 10.46
CA THR A 372 5.91 -6.18 10.95
C THR A 372 6.63 -6.37 12.29
N ASP A 373 6.24 -7.38 13.06
CA ASP A 373 6.98 -7.75 14.27
C ASP A 373 8.42 -8.14 13.85
N ILE A 374 8.56 -8.75 12.70
CA ILE A 374 9.85 -9.23 12.25
C ILE A 374 10.64 -8.13 11.57
N THR A 375 9.97 -7.36 10.71
CA THR A 375 10.68 -6.39 9.86
C THR A 375 10.55 -4.91 10.23
N GLY A 376 9.70 -4.61 11.22
CA GLY A 376 9.51 -3.23 11.70
C GLY A 376 8.10 -2.69 11.49
N LYS A 377 7.62 -1.95 12.48
CA LYS A 377 6.31 -1.33 12.40
C LYS A 377 6.42 -0.01 11.69
N THR A 378 5.32 0.37 11.05
CA THR A 378 5.19 1.70 10.49
C THR A 378 5.36 2.70 11.65
N THR A 379 6.09 3.79 11.39
CA THR A 379 6.26 4.87 12.37
C THR A 379 5.15 5.88 12.19
N LEU A 380 4.35 6.11 13.23
CA LEU A 380 3.26 7.08 13.13
C LEU A 380 3.80 8.45 12.72
N LEU A 381 3.16 9.04 11.71
CA LEU A 381 3.53 10.37 11.22
C LEU A 381 2.57 11.40 11.80
N PRO A 382 2.97 12.69 11.84
CA PRO A 382 2.08 13.76 12.31
C PRO A 382 0.86 13.87 11.44
N LYS A 383 -0.21 14.42 12.01
CA LYS A 383 -1.46 14.54 11.26
C LYS A 383 -1.34 15.36 9.98
N TRP A 384 -0.39 16.30 9.91
CA TRP A 384 -0.29 17.12 8.71
C TRP A 384 0.03 16.26 7.44
N ALA A 385 0.66 15.12 7.64
CA ALA A 385 0.97 14.23 6.51
C ALA A 385 -0.29 13.69 5.82
N PHE A 386 -1.41 13.75 6.51
CA PHE A 386 -2.67 13.19 6.03
C PHE A 386 -3.65 14.19 5.37
N GLY A 387 -3.18 15.42 5.21
CA GLY A 387 -3.91 16.42 4.45
C GLY A 387 -3.41 16.44 3.01
N LEU A 388 -3.85 17.39 2.22
CA LEU A 388 -3.40 17.45 0.84
C LEU A 388 -1.97 17.96 0.71
N TRP A 389 -1.18 17.28 -0.11
CA TRP A 389 0.17 17.73 -0.47
C TRP A 389 0.16 18.38 -1.84
N MSE A 390 0.78 19.56 -1.95
CA MSE A 390 0.89 20.31 -3.21
C MSE A 390 2.31 20.27 -3.70
O MSE A 390 3.26 20.53 -2.94
CB MSE A 390 0.43 21.75 -2.98
CG MSE A 390 -0.99 21.84 -2.44
SE MSE A 390 -1.69 23.68 -2.65
CE MSE A 390 -0.07 24.72 -2.38
N SER A 391 2.48 19.98 -4.99
CA SER A 391 3.81 19.85 -5.58
C SER A 391 3.75 20.12 -7.09
N ALA A 392 4.84 20.64 -7.64
CA ALA A 392 5.01 20.82 -9.09
C ALA A 392 6.49 21.06 -9.37
N ASN A 393 7.10 20.25 -10.24
CA ASN A 393 8.53 20.42 -10.52
C ASN A 393 8.86 21.81 -11.06
N GLU A 394 7.90 22.44 -11.73
CA GLU A 394 8.12 23.77 -12.30
C GLU A 394 8.27 24.89 -11.24
N TRP A 395 7.91 24.64 -9.97
CA TRP A 395 8.08 25.66 -8.93
C TRP A 395 9.59 25.75 -8.61
N ASP A 396 10.23 26.81 -9.12
CA ASP A 396 11.68 26.95 -9.00
C ASP A 396 12.18 28.33 -8.50
N ARG A 397 11.28 29.11 -7.91
CA ARG A 397 11.62 30.44 -7.38
C ARG A 397 10.60 30.87 -6.36
N GLU A 398 10.96 31.86 -5.55
CA GLU A 398 10.06 32.37 -4.51
C GLU A 398 8.70 32.82 -5.02
N SER A 399 8.68 33.46 -6.18
CA SER A 399 7.40 33.94 -6.73
C SER A 399 6.46 32.81 -7.11
N ASP A 400 7.01 31.64 -7.46
CA ASP A 400 6.18 30.47 -7.75
C ASP A 400 5.52 29.97 -6.46
N VAL A 401 6.28 30.00 -5.36
CA VAL A 401 5.73 29.59 -4.09
C VAL A 401 4.65 30.56 -3.65
N SER A 402 4.93 31.87 -3.73
CA SER A 402 3.93 32.85 -3.34
C SER A 402 2.66 32.73 -4.17
N SER A 403 2.81 32.49 -5.47
CA SER A 403 1.65 32.37 -6.34
C SER A 403 0.88 31.08 -6.04
N ALA A 404 1.58 30.01 -5.68
CA ALA A 404 0.92 28.75 -5.36
C ALA A 404 0.11 28.92 -4.09
N LEU A 405 0.68 29.61 -3.10
CA LEU A 405 -0.04 29.85 -1.88
C LEU A 405 -1.26 30.75 -2.12
N SER A 406 -1.11 31.78 -2.94
N SER A 406 -1.11 31.80 -2.93
CA SER A 406 -2.24 32.69 -3.22
CA SER A 406 -2.25 32.71 -3.21
C SER A 406 -3.33 31.97 -4.03
C SER A 406 -3.33 32.02 -4.07
N ASN A 407 -2.92 31.13 -4.97
CA ASN A 407 -3.91 30.37 -5.77
C ASN A 407 -4.70 29.40 -4.88
N ALA A 408 -4.03 28.75 -3.94
CA ALA A 408 -4.71 27.83 -3.01
C ALA A 408 -5.72 28.59 -2.16
N LYS A 409 -5.30 29.74 -1.65
CA LYS A 409 -6.18 30.56 -0.81
C LYS A 409 -7.38 31.06 -1.60
N ALA A 410 -7.13 31.57 -2.80
CA ALA A 410 -8.21 32.11 -3.65
C ALA A 410 -9.23 31.03 -4.06
N ASN A 411 -8.77 29.80 -4.19
CA ASN A 411 -9.64 28.67 -4.57
C ASN A 411 -10.09 27.83 -3.40
N ASP A 412 -9.87 28.33 -2.18
CA ASP A 412 -10.31 27.67 -0.96
C ASP A 412 -9.84 26.20 -0.86
N ILE A 413 -8.53 26.01 -0.99
CA ILE A 413 -7.87 24.70 -0.95
C ILE A 413 -6.96 24.72 0.28
N PRO A 414 -7.47 24.27 1.45
CA PRO A 414 -6.66 24.25 2.67
C PRO A 414 -5.72 23.03 2.76
N ALA A 415 -4.69 23.03 1.93
CA ALA A 415 -3.71 21.93 1.91
C ALA A 415 -2.87 22.00 3.16
N THR A 416 -2.13 20.93 3.45
CA THR A 416 -1.21 20.89 4.59
C THR A 416 0.24 20.55 4.25
N GLY A 417 0.53 20.06 3.05
CA GLY A 417 1.89 19.71 2.64
C GLY A 417 2.30 20.46 1.39
N PHE A 418 3.61 20.74 1.27
CA PHE A 418 4.15 21.51 0.18
C PHE A 418 5.54 20.95 -0.15
N VAL A 419 5.78 20.67 -1.43
CA VAL A 419 7.06 20.07 -1.83
C VAL A 419 7.79 20.98 -2.79
N LEU A 420 9.10 21.13 -2.59
CA LEU A 420 9.93 21.81 -3.59
C LEU A 420 10.94 20.82 -4.14
N GLU A 421 10.95 20.70 -5.46
CA GLU A 421 11.95 19.87 -6.16
C GLU A 421 13.05 20.70 -6.77
N GLN A 422 12.66 21.72 -7.53
CA GLN A 422 13.61 22.55 -8.25
C GLN A 422 14.07 23.72 -7.34
N TRP A 423 14.66 23.36 -6.20
CA TRP A 423 15.04 24.38 -5.21
C TRP A 423 16.53 24.68 -5.12
N SER A 424 17.38 23.72 -5.53
CA SER A 424 18.83 23.82 -5.28
C SER A 424 19.67 24.28 -6.44
N ASP A 425 20.97 24.33 -6.18
CA ASP A 425 21.97 24.63 -7.19
C ASP A 425 22.12 23.56 -8.29
N GLU A 426 21.46 22.42 -8.10
N GLU A 426 21.46 22.41 -8.15
CA GLU A 426 21.52 21.29 -9.02
CA GLU A 426 21.56 21.34 -9.16
C GLU A 426 22.96 20.79 -9.23
C GLU A 426 22.97 20.74 -9.23
N GLU A 427 23.79 20.96 -8.21
CA GLU A 427 25.17 20.47 -8.22
C GLU A 427 25.47 19.77 -6.91
N THR A 428 25.42 20.50 -5.80
CA THR A 428 25.58 19.91 -4.47
C THR A 428 24.29 19.32 -3.89
N TYR A 429 23.15 19.88 -4.29
CA TYR A 429 21.81 19.52 -3.76
C TYR A 429 21.61 19.79 -2.28
N TYR A 430 22.44 20.65 -1.67
CA TYR A 430 22.16 21.10 -0.31
C TYR A 430 22.25 22.62 -0.19
N ILE A 431 22.44 23.29 -1.34
CA ILE A 431 22.59 24.75 -1.41
C ILE A 431 21.48 25.32 -2.30
N TRP A 432 20.84 26.39 -1.82
CA TRP A 432 19.74 27.03 -2.56
C TRP A 432 20.22 27.57 -3.90
N ASN A 433 19.39 27.45 -4.92
CA ASN A 433 19.75 27.94 -6.23
C ASN A 433 20.09 29.43 -6.16
N ASN A 434 21.12 29.82 -6.92
CA ASN A 434 21.61 31.21 -6.97
C ASN A 434 22.34 31.73 -5.72
N ALA A 435 22.46 30.95 -4.66
CA ALA A 435 23.15 31.44 -3.46
C ALA A 435 24.63 31.54 -3.71
N THR A 436 25.28 32.55 -3.09
CA THR A 436 26.72 32.72 -3.20
C THR A 436 27.35 32.55 -1.83
N TYR A 437 28.63 32.21 -1.81
CA TYR A 437 29.33 31.84 -0.59
C TYR A 437 30.80 31.59 -0.88
N THR A 438 31.60 31.49 0.17
CA THR A 438 32.98 31.09 0.03
C THR A 438 32.96 29.57 0.13
N ALA A 439 33.52 28.89 -0.86
CA ALA A 439 33.53 27.42 -0.83
C ALA A 439 34.26 26.89 0.40
N LYS A 440 33.88 25.70 0.85
N LYS A 440 33.87 25.71 0.85
CA LYS A 440 34.49 25.04 2.00
CA LYS A 440 34.50 25.06 2.00
C LYS A 440 35.19 23.74 1.64
C LYS A 440 35.19 23.75 1.64
N LYS A 441 36.33 23.52 2.29
CA LYS A 441 37.14 22.32 2.08
C LYS A 441 36.97 21.38 3.24
N ASN A 442 37.55 20.19 3.08
CA ASN A 442 37.63 19.21 4.17
C ASN A 442 36.28 18.81 4.76
N GLY A 443 35.28 18.75 3.89
CA GLY A 443 33.96 18.32 4.29
C GLY A 443 33.24 19.20 5.28
N GLU A 444 33.68 20.44 5.46
CA GLU A 444 33.03 21.33 6.44
C GLU A 444 31.60 21.67 6.01
N ALA A 445 30.72 21.85 6.99
CA ALA A 445 29.31 22.19 6.70
C ALA A 445 29.07 23.70 6.77
N PHE A 446 28.07 24.16 6.03
CA PHE A 446 27.68 25.55 6.03
C PHE A 446 26.57 25.85 7.04
N SER A 447 26.48 27.11 7.46
N SER A 447 26.48 27.11 7.46
CA SER A 447 25.40 27.59 8.30
CA SER A 447 25.39 27.58 8.30
C SER A 447 24.65 28.59 7.44
C SER A 447 24.65 28.59 7.44
N TYR A 448 23.43 28.95 7.83
CA TYR A 448 22.59 29.88 7.06
C TYR A 448 23.29 31.22 6.77
N ASP A 449 24.01 31.75 7.76
CA ASP A 449 24.70 33.03 7.62
C ASP A 449 25.92 33.01 6.70
N ASP A 450 26.39 31.82 6.31
CA ASP A 450 27.48 31.72 5.33
C ASP A 450 27.05 32.10 3.91
N PHE A 451 25.75 32.13 3.65
CA PHE A 451 25.23 32.39 2.30
C PHE A 451 24.74 33.79 2.05
N THR A 452 24.93 34.26 0.82
CA THR A 452 24.27 35.46 0.36
C THR A 452 23.20 34.90 -0.57
N PHE A 453 21.94 35.17 -0.26
CA PHE A 453 20.84 34.61 -1.05
C PHE A 453 20.44 35.58 -2.15
N ASN A 454 20.37 35.08 -3.37
CA ASN A 454 20.11 35.92 -4.54
C ASN A 454 19.07 35.34 -5.48
N GLY A 455 18.66 36.20 -6.42
CA GLY A 455 17.79 35.83 -7.53
C GLY A 455 16.53 35.06 -7.23
N LYS A 456 16.53 33.78 -7.54
CA LYS A 456 15.34 32.95 -7.36
C LYS A 456 14.93 32.76 -5.90
N TRP A 457 15.88 32.83 -4.96
CA TRP A 457 15.58 32.63 -3.55
C TRP A 457 16.35 33.63 -2.72
N THR A 458 15.75 34.79 -2.48
CA THR A 458 16.42 35.84 -1.73
C THR A 458 16.30 35.68 -0.21
N ASP A 459 15.37 34.85 0.24
CA ASP A 459 15.14 34.63 1.68
C ASP A 459 14.41 33.30 1.92
N PRO A 460 15.14 32.18 1.84
CA PRO A 460 14.54 30.87 2.05
C PRO A 460 13.83 30.71 3.41
N LYS A 461 14.40 31.24 4.48
CA LYS A 461 13.76 31.15 5.80
C LYS A 461 12.40 31.85 5.81
N GLY A 462 12.37 33.06 5.27
CA GLY A 462 11.12 33.80 5.14
C GLY A 462 10.07 33.12 4.26
N MSE A 463 10.52 32.49 3.15
CA MSE A 463 9.62 31.72 2.29
C MSE A 463 9.03 30.56 3.09
O MSE A 463 7.83 30.32 3.04
CB MSE A 463 10.41 31.27 1.06
CG MSE A 463 9.65 30.44 0.03
SE MSE A 463 9.55 28.53 0.52
CE MSE A 463 11.44 27.99 0.41
N VAL A 464 9.86 29.83 3.84
CA VAL A 464 9.36 28.72 4.66
C VAL A 464 8.34 29.24 5.69
N ASP A 465 8.62 30.38 6.31
CA ASP A 465 7.67 30.98 7.27
C ASP A 465 6.33 31.25 6.57
N SER A 466 6.36 31.70 5.32
CA SER A 466 5.10 31.99 4.60
C SER A 466 4.31 30.70 4.35
N VAL A 467 5.02 29.60 4.06
CA VAL A 467 4.39 28.30 3.86
C VAL A 467 3.77 27.86 5.19
N HIS A 468 4.51 28.01 6.29
CA HIS A 468 3.94 27.68 7.61
C HIS A 468 2.72 28.53 7.93
N ASP A 469 2.76 29.82 7.59
N ASP A 469 2.77 29.83 7.60
CA ASP A 469 1.67 30.74 7.87
CA ASP A 469 1.65 30.77 7.83
C ASP A 469 0.37 30.35 7.14
C ASP A 469 0.36 30.27 7.19
N ALA A 470 0.49 29.60 6.04
CA ALA A 470 -0.67 29.11 5.29
C ALA A 470 -1.16 27.77 5.87
N GLY A 471 -0.54 27.29 6.95
CA GLY A 471 -0.91 26.04 7.59
C GLY A 471 -0.33 24.83 6.89
N MSE A 472 0.78 25.02 6.16
CA MSE A 472 1.41 23.92 5.43
C MSE A 472 2.79 23.67 5.97
O MSE A 472 3.37 24.48 6.68
CB MSE A 472 1.50 24.23 3.93
CG MSE A 472 0.10 24.53 3.38
SE MSE A 472 0.11 24.72 1.42
CE MSE A 472 -1.58 25.73 1.30
N ASN A 473 3.33 22.52 5.59
N ASN A 473 3.32 22.49 5.64
CA ASN A 473 4.63 22.08 6.01
CA ASN A 473 4.66 22.08 6.01
C ASN A 473 5.39 21.77 4.72
C ASN A 473 5.41 21.72 4.74
N ILE A 474 6.70 22.02 4.72
CA ILE A 474 7.50 21.87 3.52
C ILE A 474 8.62 20.82 3.53
N VAL A 475 8.75 20.10 2.41
CA VAL A 475 9.82 19.13 2.27
C VAL A 475 10.62 19.46 1.00
N LEU A 476 11.93 19.16 1.05
CA LEU A 476 12.86 19.41 -0.07
C LEU A 476 13.36 18.08 -0.68
N TRP A 477 13.42 18.06 -2.00
CA TRP A 477 13.87 16.92 -2.80
C TRP A 477 15.37 16.66 -2.60
N GLN A 478 15.73 15.38 -2.56
CA GLN A 478 17.08 14.89 -2.36
C GLN A 478 17.32 13.61 -3.13
N VAL A 479 18.60 13.28 -3.33
CA VAL A 479 19.03 12.00 -3.92
C VAL A 479 20.19 11.48 -3.04
N PRO A 480 20.51 10.18 -3.13
CA PRO A 480 21.60 9.56 -2.32
C PRO A 480 22.98 9.59 -2.98
N VAL A 481 23.08 10.32 -4.09
CA VAL A 481 24.27 10.32 -4.90
C VAL A 481 24.83 11.72 -5.02
N LEU A 482 26.16 11.78 -5.05
CA LEU A 482 26.87 13.02 -5.33
C LEU A 482 27.03 13.07 -6.86
N LYS A 483 26.42 14.09 -7.43
CA LYS A 483 26.43 14.32 -8.86
C LYS A 483 27.83 14.57 -9.38
N ASP A 484 28.19 13.92 -10.48
CA ASP A 484 29.47 14.19 -11.13
C ASP A 484 29.23 14.14 -12.63
N ASP A 485 28.98 15.33 -13.18
CA ASP A 485 28.68 15.50 -14.61
C ASP A 485 29.90 15.86 -15.45
N GLY A 486 31.11 15.79 -14.87
CA GLY A 486 32.33 16.12 -15.59
C GLY A 486 32.61 17.60 -15.71
N THR A 487 31.74 18.46 -15.18
CA THR A 487 31.92 19.91 -15.24
C THR A 487 32.61 20.40 -13.98
N VAL A 488 33.18 21.61 -14.04
CA VAL A 488 33.87 22.17 -12.90
C VAL A 488 32.83 22.92 -12.07
N TYR A 489 32.79 22.60 -10.78
CA TYR A 489 31.89 23.28 -9.85
C TYR A 489 32.54 23.11 -8.47
N GLU A 490 33.19 24.19 -8.04
CA GLU A 490 34.07 24.19 -6.87
C GLU A 490 33.58 23.42 -5.64
N GLN A 491 32.43 23.77 -5.11
CA GLN A 491 31.98 23.12 -3.86
C GLN A 491 31.74 21.62 -4.06
N ARG A 492 31.16 21.26 -5.20
CA ARG A 492 30.91 19.84 -5.48
C ARG A 492 32.23 19.11 -5.65
N ASP A 493 33.18 19.72 -6.37
CA ASP A 493 34.49 19.11 -6.57
C ASP A 493 35.21 18.91 -5.21
N ASN A 494 35.13 19.91 -4.33
CA ASN A 494 35.70 19.82 -2.98
C ASN A 494 35.09 18.65 -2.20
N ASP A 495 33.76 18.55 -2.23
CA ASP A 495 33.05 17.47 -1.51
C ASP A 495 33.38 16.09 -2.10
N GLU A 496 33.49 16.01 -3.41
CA GLU A 496 33.78 14.73 -4.06
C GLU A 496 35.16 14.19 -3.60
N GLU A 497 36.16 15.05 -3.66
CA GLU A 497 37.53 14.69 -3.27
C GLU A 497 37.58 14.24 -1.82
N TYR A 498 36.88 14.98 -0.95
CA TYR A 498 36.79 14.63 0.45
C TYR A 498 36.08 13.29 0.66
N MSE A 499 34.90 13.14 0.04
CA MSE A 499 34.10 11.91 0.16
C MSE A 499 34.91 10.72 -0.29
O MSE A 499 34.93 9.70 0.39
CB MSE A 499 32.79 12.06 -0.64
CG MSE A 499 32.25 10.83 -1.35
SE MSE A 499 30.59 11.47 -2.20
CE MSE A 499 29.60 9.84 -1.73
N ILE A 500 35.60 10.83 -1.41
CA ILE A 500 36.41 9.71 -1.91
C ILE A 500 37.56 9.33 -0.96
N SER A 501 38.37 10.32 -0.60
CA SER A 501 39.57 10.08 0.25
C SER A 501 39.22 9.65 1.69
N GLN A 502 38.05 10.05 2.18
CA GLN A 502 37.56 9.64 3.50
C GLN A 502 37.00 8.23 3.53
N GLY A 503 36.76 7.65 2.37
CA GLY A 503 36.17 6.31 2.31
C GLY A 503 34.66 6.35 2.51
N TYR A 504 34.01 7.46 2.15
CA TYR A 504 32.58 7.63 2.36
C TYR A 504 31.70 7.07 1.25
N SER A 505 32.31 6.74 0.13
CA SER A 505 31.61 6.10 -0.96
C SER A 505 31.68 4.60 -0.75
N ALA A 506 30.94 3.86 -1.57
CA ALA A 506 31.16 2.43 -1.63
C ALA A 506 32.39 2.23 -2.53
N ASP A 507 32.91 1.02 -2.55
CA ASP A 507 34.08 0.71 -3.36
C ASP A 507 33.68 -0.15 -4.55
N ASP A 508 34.32 0.09 -5.69
CA ASP A 508 33.98 -0.61 -6.90
C ASP A 508 34.50 -2.03 -6.94
N GLY A 509 35.40 -2.37 -6.01
CA GLY A 509 36.00 -3.70 -5.94
C GLY A 509 37.49 -3.65 -6.13
N THR A 510 38.00 -2.51 -6.59
CA THR A 510 39.42 -2.37 -6.88
C THR A 510 40.08 -1.28 -6.05
N GLY A 511 39.31 -0.66 -5.16
CA GLY A 511 39.82 0.43 -4.36
C GLY A 511 39.37 1.80 -4.85
N ALA A 512 38.67 1.83 -5.98
CA ALA A 512 38.16 3.07 -6.55
C ALA A 512 36.73 3.24 -6.09
N PRO A 513 36.25 4.50 -6.05
CA PRO A 513 34.89 4.73 -5.60
C PRO A 513 33.84 4.20 -6.58
N TYR A 514 32.78 3.62 -6.03
CA TYR A 514 31.71 3.14 -6.86
C TYR A 514 30.93 4.30 -7.47
N ARG A 515 30.69 4.22 -8.77
CA ARG A 515 29.89 5.20 -9.51
C ARG A 515 28.71 4.51 -10.20
N VAL A 516 27.58 5.19 -10.26
CA VAL A 516 26.40 4.71 -10.97
C VAL A 516 26.81 4.50 -12.43
N PRO A 517 26.42 3.36 -13.02
CA PRO A 517 26.76 3.15 -14.42
C PRO A 517 26.39 4.35 -15.31
N ALA A 518 27.29 4.67 -16.25
CA ALA A 518 27.18 5.85 -17.11
C ALA A 518 25.86 6.08 -17.82
N SER A 519 25.19 5.02 -18.23
CA SER A 519 23.92 5.09 -18.99
C SER A 519 22.67 5.33 -18.15
N GLN A 520 22.82 5.30 -16.84
CA GLN A 520 21.69 5.39 -15.97
C GLN A 520 21.46 6.80 -15.45
N TRP A 521 20.35 6.95 -14.73
CA TRP A 521 20.00 8.22 -14.09
C TRP A 521 21.07 8.51 -13.03
N PHE A 522 21.65 9.71 -13.12
CA PHE A 522 22.79 10.12 -12.29
C PHE A 522 24.02 9.27 -12.57
N GLY A 523 24.15 8.78 -13.81
CA GLY A 523 25.33 8.05 -14.22
C GLY A 523 26.59 8.86 -13.91
N ASN A 524 27.64 8.15 -13.49
CA ASN A 524 28.95 8.70 -13.10
C ASN A 524 28.94 9.27 -11.68
N GLY A 525 27.74 9.45 -11.10
CA GLY A 525 27.62 9.94 -9.74
C GLY A 525 28.15 8.95 -8.71
N ILE A 526 28.59 9.47 -7.57
CA ILE A 526 29.11 8.63 -6.49
C ILE A 526 28.10 8.44 -5.37
N LEU A 527 27.73 7.19 -5.11
CA LEU A 527 26.78 6.90 -4.04
C LEU A 527 27.38 7.13 -2.66
N LEU A 528 26.61 7.72 -1.76
CA LEU A 528 27.02 7.83 -0.35
C LEU A 528 26.78 6.44 0.25
N ASP A 529 27.79 5.89 0.93
CA ASP A 529 27.63 4.58 1.57
C ASP A 529 26.87 4.73 2.88
N PHE A 530 25.55 4.53 2.81
CA PHE A 530 24.68 4.64 3.98
C PHE A 530 24.88 3.57 5.06
N THR A 531 25.74 2.57 4.79
CA THR A 531 26.11 1.60 5.83
C THR A 531 27.23 2.13 6.72
N ASN A 532 27.86 3.23 6.30
CA ASN A 532 29.01 3.84 6.99
C ASN A 532 28.52 5.00 7.85
N LYS A 533 28.45 4.82 9.16
CA LYS A 533 27.87 5.85 10.05
C LYS A 533 28.58 7.20 9.94
N ASP A 534 29.89 7.18 9.79
CA ASP A 534 30.65 8.43 9.65
C ASP A 534 30.27 9.14 8.33
N ALA A 535 30.08 8.37 7.27
CA ALA A 535 29.71 8.93 5.97
C ALA A 535 28.32 9.58 6.06
N VAL A 536 27.43 8.92 6.75
CA VAL A 536 26.07 9.41 6.89
C VAL A 536 26.06 10.68 7.71
N ASP A 537 26.79 10.67 8.82
CA ASP A 537 26.90 11.88 9.66
C ASP A 537 27.42 13.07 8.86
N TRP A 538 28.42 12.86 8.02
CA TRP A 538 28.93 13.92 7.17
C TRP A 538 27.84 14.41 6.20
N TRP A 539 27.26 13.48 5.45
CA TRP A 539 26.26 13.83 4.43
C TRP A 539 25.12 14.64 5.04
N THR A 540 24.58 14.15 6.16
CA THR A 540 23.48 14.85 6.81
C THR A 540 23.94 16.15 7.46
N SER A 541 25.19 16.23 7.97
CA SER A 541 25.68 17.49 8.53
C SER A 541 25.59 18.60 7.50
N GLN A 542 25.70 18.26 6.22
CA GLN A 542 25.67 19.28 5.17
C GLN A 542 24.29 19.90 4.98
N ARG A 543 23.27 19.15 5.38
CA ARG A 543 21.88 19.56 5.27
C ARG A 543 21.32 20.08 6.58
N GLU A 544 22.12 20.01 7.66
CA GLU A 544 21.64 20.37 8.98
C GLU A 544 20.99 21.75 9.01
N TYR A 545 21.64 22.75 8.43
CA TYR A 545 21.12 24.12 8.47
C TYR A 545 19.71 24.25 7.85
N LEU A 546 19.34 23.35 6.92
CA LEU A 546 18.00 23.40 6.32
C LEU A 546 16.92 23.15 7.38
N LEU A 547 17.25 22.31 8.36
CA LEU A 547 16.33 21.97 9.45
C LEU A 547 16.41 22.94 10.63
N THR A 548 17.62 23.27 11.07
CA THR A 548 17.78 24.12 12.25
C THR A 548 17.55 25.60 12.01
N GLU A 549 17.85 26.08 10.80
CA GLU A 549 17.76 27.50 10.49
C GLU A 549 16.71 27.85 9.45
N VAL A 550 16.67 27.13 8.33
CA VAL A 550 15.63 27.39 7.31
C VAL A 550 14.24 26.95 7.84
N GLY A 551 14.18 25.88 8.61
CA GLY A 551 12.95 25.41 9.25
C GLY A 551 12.12 24.39 8.44
N ILE A 552 12.75 23.63 7.56
CA ILE A 552 11.95 22.68 6.76
C ILE A 552 11.38 21.51 7.58
N ASP A 553 10.43 20.81 6.98
CA ASP A 553 9.68 19.74 7.64
C ASP A 553 9.91 18.36 7.07
N GLY A 554 11.06 18.17 6.41
CA GLY A 554 11.43 16.88 5.90
C GLY A 554 12.02 16.88 4.51
N PHE A 555 12.18 15.66 3.99
CA PHE A 555 12.78 15.47 2.69
C PHE A 555 12.03 14.51 1.78
N LYS A 556 12.01 14.82 0.48
CA LYS A 556 11.50 13.90 -0.55
C LYS A 556 12.75 13.21 -1.07
N THR A 557 13.03 12.06 -0.46
CA THR A 557 14.21 11.27 -0.76
C THR A 557 13.91 10.37 -1.95
N ASP A 558 14.27 10.86 -3.14
CA ASP A 558 14.00 10.17 -4.41
C ASP A 558 15.16 9.24 -4.74
N GLY A 559 14.94 8.35 -5.69
CA GLY A 559 15.99 7.48 -6.15
C GLY A 559 16.36 6.38 -5.18
N GLY A 560 17.55 5.83 -5.37
CA GLY A 560 18.03 4.75 -4.54
C GLY A 560 18.20 3.41 -5.26
N GLU A 561 17.68 3.28 -6.49
CA GLU A 561 17.74 2.01 -7.24
C GLU A 561 19.02 2.08 -8.08
N MSE A 562 20.15 2.31 -7.40
CA MSE A 562 21.38 2.69 -8.08
C MSE A 562 22.61 1.85 -7.85
O MSE A 562 23.67 2.20 -8.34
CB MSE A 562 21.65 4.13 -7.56
CG MSE A 562 20.68 5.11 -8.21
SE MSE A 562 20.69 6.83 -7.21
CE MSE A 562 19.76 7.90 -8.56
N VAL A 563 22.46 0.73 -7.14
CA VAL A 563 23.57 -0.18 -6.83
C VAL A 563 23.60 -1.31 -7.85
N TRP A 564 24.64 -1.30 -8.67
CA TRP A 564 24.92 -2.38 -9.58
C TRP A 564 26.31 -2.90 -9.25
N GLY A 565 26.65 -4.04 -9.85
CA GLY A 565 28.01 -4.59 -9.73
C GLY A 565 28.18 -5.56 -8.59
N ARG A 566 28.56 -6.80 -8.92
CA ARG A 566 28.76 -7.82 -7.90
C ARG A 566 29.89 -7.49 -6.93
N ASP A 567 30.89 -6.78 -7.40
CA ASP A 567 32.07 -6.43 -6.59
C ASP A 567 31.94 -5.15 -5.83
N THR A 568 30.85 -4.41 -6.06
CA THR A 568 30.61 -3.19 -5.31
C THR A 568 30.57 -3.59 -3.84
N THR A 569 31.38 -2.91 -3.04
CA THR A 569 31.58 -3.27 -1.64
C THR A 569 31.28 -2.13 -0.68
N PHE A 570 30.51 -2.43 0.36
CA PHE A 570 30.08 -1.48 1.38
C PHE A 570 30.86 -1.61 2.69
N SER A 571 30.80 -0.57 3.51
CA SER A 571 31.57 -0.56 4.76
C SER A 571 31.18 -1.69 5.70
N ASN A 572 29.97 -2.22 5.59
CA ASN A 572 29.53 -3.35 6.43
C ASN A 572 30.06 -4.69 5.91
N GLY A 573 30.85 -4.68 4.85
CA GLY A 573 31.40 -5.93 4.31
C GLY A 573 30.50 -6.59 3.27
N GLU A 574 29.26 -6.13 3.14
CA GLU A 574 28.35 -6.71 2.14
C GLU A 574 28.66 -6.16 0.76
N LYS A 575 28.28 -6.94 -0.24
CA LYS A 575 28.56 -6.57 -1.63
C LYS A 575 27.27 -6.30 -2.44
N GLY A 576 27.44 -6.00 -3.72
CA GLY A 576 26.33 -5.55 -4.54
C GLY A 576 25.11 -6.44 -4.63
N GLN A 577 25.32 -7.75 -4.68
CA GLN A 577 24.16 -8.64 -4.77
C GLN A 577 23.24 -8.51 -3.56
N GLU A 578 23.83 -8.47 -2.38
CA GLU A 578 23.09 -8.39 -1.15
C GLU A 578 22.57 -6.98 -0.87
N MSE A 579 23.32 -5.98 -1.29
CA MSE A 579 22.94 -4.59 -0.97
C MSE A 579 22.04 -3.89 -1.94
O MSE A 579 21.50 -2.85 -1.59
CB MSE A 579 24.21 -3.76 -0.79
CG MSE A 579 24.91 -4.06 0.53
SE MSE A 579 23.82 -3.46 2.08
CE MSE A 579 23.62 -1.60 1.52
N ARG A 580 21.84 -4.38 -3.16
CA ARG A 580 21.01 -3.61 -4.08
C ARG A 580 19.61 -3.28 -3.53
N ASN A 581 18.94 -4.28 -2.98
CA ASN A 581 17.58 -4.07 -2.49
C ASN A 581 17.55 -3.35 -1.16
N ARG A 582 18.61 -3.49 -0.36
CA ARG A 582 18.68 -2.87 0.97
C ARG A 582 19.08 -1.40 0.92
N TYR A 583 19.93 -1.04 -0.02
CA TYR A 583 20.47 0.32 -0.12
C TYR A 583 19.40 1.42 -0.02
N PRO A 584 18.32 1.37 -0.84
CA PRO A 584 17.34 2.47 -0.73
C PRO A 584 16.72 2.62 0.65
N THR A 585 16.50 1.53 1.36
CA THR A 585 15.92 1.60 2.71
C THR A 585 16.97 2.16 3.73
N ASP A 586 18.25 1.81 3.57
CA ASP A 586 19.29 2.41 4.43
C ASP A 586 19.33 3.94 4.20
N TYR A 587 19.26 4.33 2.93
CA TYR A 587 19.20 5.73 2.52
C TYR A 587 17.99 6.47 3.12
N VAL A 588 16.81 5.93 2.85
CA VAL A 588 15.57 6.56 3.29
C VAL A 588 15.49 6.65 4.82
N SER A 589 15.81 5.56 5.50
CA SER A 589 15.77 5.53 6.96
C SER A 589 16.80 6.50 7.58
N SER A 590 17.99 6.56 7.02
CA SER A 590 19.02 7.50 7.50
C SER A 590 18.50 8.94 7.49
N TYR A 591 17.92 9.37 6.38
CA TYR A 591 17.37 10.71 6.29
C TYR A 591 16.19 10.94 7.22
N PHE A 592 15.25 9.99 7.24
CA PHE A 592 14.07 10.08 8.11
C PHE A 592 14.45 10.27 9.57
N ASP A 593 15.36 9.43 10.03
CA ASP A 593 15.82 9.51 11.41
C ASP A 593 16.56 10.84 11.69
N PHE A 594 17.36 11.30 10.73
CA PHE A 594 18.08 12.55 10.85
C PHE A 594 17.15 13.75 10.97
N ALA A 595 16.21 13.85 10.05
CA ALA A 595 15.27 14.98 10.05
C ALA A 595 14.47 15.02 11.37
N LYS A 596 13.98 13.87 11.80
CA LYS A 596 13.19 13.78 13.03
C LYS A 596 14.00 14.09 14.30
N SER A 597 15.31 13.84 14.26
CA SER A 597 16.18 14.15 15.41
C SER A 597 16.19 15.66 15.69
N ILE A 598 15.99 16.46 14.66
CA ILE A 598 15.99 17.92 14.77
C ILE A 598 14.58 18.49 14.82
N ASN A 599 13.70 17.98 13.97
CA ASN A 599 12.32 18.42 13.90
C ASN A 599 11.43 17.21 14.11
N PRO A 600 10.83 17.09 15.32
CA PRO A 600 10.00 15.93 15.62
C PRO A 600 8.82 15.69 14.66
N GLU A 601 8.38 16.76 13.99
CA GLU A 601 7.25 16.71 13.07
C GLU A 601 7.67 16.46 11.62
N ALA A 602 8.94 16.12 11.37
CA ALA A 602 9.42 15.95 10.01
C ALA A 602 8.94 14.67 9.37
N VAL A 603 8.72 14.71 8.08
CA VAL A 603 8.19 13.56 7.33
C VAL A 603 9.01 13.31 6.08
N SER A 604 9.31 12.04 5.80
CA SER A 604 9.98 11.67 4.54
C SER A 604 8.94 11.22 3.51
N PHE A 605 9.29 11.40 2.23
CA PHE A 605 8.43 11.07 1.09
C PHE A 605 9.38 10.42 0.08
N SER A 606 9.22 9.12 -0.18
CA SER A 606 10.18 8.36 -0.95
C SER A 606 9.52 7.38 -1.89
N ARG A 607 10.29 6.72 -2.75
CA ARG A 607 9.69 5.76 -3.70
C ARG A 607 10.25 4.35 -3.65
N SER A 608 11.48 4.19 -3.17
CA SER A 608 12.15 2.90 -3.24
C SER A 608 12.42 2.26 -1.88
N GLY A 609 12.46 0.94 -1.85
CA GLY A 609 12.81 0.23 -0.63
C GLY A 609 12.58 -1.27 -0.70
N THR A 610 12.82 -1.92 0.41
CA THR A 610 12.55 -3.34 0.57
C THR A 610 11.96 -3.55 1.96
N SER A 611 11.99 -4.79 2.47
N SER A 611 11.98 -4.78 2.46
CA SER A 611 11.48 -5.09 3.82
CA SER A 611 11.46 -5.06 3.82
C SER A 611 12.02 -4.10 4.85
C SER A 611 12.01 -4.08 4.85
N GLY A 612 11.12 -3.51 5.64
CA GLY A 612 11.49 -2.50 6.63
C GLY A 612 11.28 -1.06 6.17
N ALA A 613 11.03 -0.84 4.87
CA ALA A 613 10.73 0.49 4.34
C ALA A 613 9.65 1.18 5.13
N GLN A 614 8.66 0.40 5.61
CA GLN A 614 7.54 0.93 6.33
C GLN A 614 7.89 1.75 7.60
N LYS A 615 9.06 1.51 8.17
N LYS A 615 9.05 1.50 8.19
CA LYS A 615 9.49 2.26 9.34
CA LYS A 615 9.49 2.28 9.35
C LYS A 615 9.75 3.75 9.07
C LYS A 615 9.76 3.75 9.07
N SER A 616 9.96 4.11 7.81
CA SER A 616 10.46 5.42 7.47
C SER A 616 9.69 6.29 6.48
N GLY A 617 8.45 6.59 6.81
CA GLY A 617 7.69 7.59 6.07
C GLY A 617 6.77 7.14 4.96
N ILE A 618 6.44 8.11 4.10
CA ILE A 618 5.54 7.90 2.99
C ILE A 618 6.24 7.35 1.79
N TYR A 619 5.51 6.52 1.05
CA TYR A 619 6.00 5.97 -0.22
C TYR A 619 5.01 6.33 -1.31
N TRP A 620 5.50 6.91 -2.41
CA TRP A 620 4.64 7.21 -3.56
C TRP A 620 5.01 6.28 -4.72
N SER A 621 4.03 6.04 -5.59
CA SER A 621 4.11 5.09 -6.68
C SER A 621 4.99 5.50 -7.88
N GLY A 622 5.68 6.61 -7.78
CA GLY A 622 6.65 6.99 -8.83
C GLY A 622 6.09 7.64 -10.07
N ASP A 623 6.80 7.41 -11.18
CA ASP A 623 6.62 8.16 -12.41
C ASP A 623 5.67 7.50 -13.40
N GLN A 624 4.47 8.07 -13.53
CA GLN A 624 3.44 7.52 -14.37
C GLN A 624 2.74 8.62 -15.22
N THR A 625 2.09 8.20 -16.29
CA THR A 625 1.42 9.13 -17.21
C THR A 625 -0.02 9.39 -16.83
N SER A 626 -0.55 10.46 -17.37
CA SER A 626 -1.93 10.89 -17.10
C SER A 626 -2.94 10.17 -17.98
N THR A 627 -3.14 8.90 -17.68
CA THR A 627 -4.12 8.06 -18.37
C THR A 627 -4.88 7.17 -17.39
N PHE A 628 -6.04 6.66 -17.83
CA PHE A 628 -6.79 5.72 -17.02
C PHE A 628 -6.05 4.39 -16.81
N ASP A 629 -5.31 3.95 -17.82
CA ASP A 629 -4.49 2.73 -17.63
C ASP A 629 -3.47 2.93 -16.51
N SER A 630 -2.84 4.09 -16.47
N SER A 630 -2.86 4.10 -16.48
CA SER A 630 -1.86 4.37 -15.40
CA SER A 630 -1.89 4.41 -15.45
C SER A 630 -2.57 4.47 -14.03
C SER A 630 -2.57 4.47 -14.06
N PHE A 631 -3.77 5.05 -14.01
CA PHE A 631 -4.60 5.12 -12.78
C PHE A 631 -4.86 3.71 -12.27
N GLN A 632 -5.24 2.81 -13.18
CA GLN A 632 -5.49 1.41 -12.79
C GLN A 632 -4.23 0.80 -12.19
N ALA A 633 -3.07 1.07 -12.80
CA ALA A 633 -1.80 0.54 -12.27
C ALA A 633 -1.42 1.13 -10.90
N SER A 634 -1.65 2.43 -10.71
CA SER A 634 -1.39 3.04 -9.40
C SER A 634 -2.20 2.38 -8.31
N LEU A 635 -3.48 2.09 -8.57
CA LEU A 635 -4.31 1.47 -7.55
C LEU A 635 -3.78 0.07 -7.22
N LYS A 636 -3.37 -0.70 -8.22
CA LYS A 636 -2.75 -2.02 -7.95
C LYS A 636 -1.49 -1.85 -7.10
N ALA A 637 -0.70 -0.82 -7.35
CA ALA A 637 0.54 -0.55 -6.60
C ALA A 637 0.21 -0.27 -5.14
N GLY A 638 -0.82 0.55 -4.89
CA GLY A 638 -1.22 0.85 -3.52
C GLY A 638 -1.77 -0.36 -2.77
N LEU A 639 -2.59 -1.16 -3.46
CA LEU A 639 -3.19 -2.33 -2.83
C LEU A 639 -2.15 -3.43 -2.52
N SER A 640 -1.20 -3.65 -3.43
CA SER A 640 -0.14 -4.63 -3.17
C SER A 640 0.82 -4.10 -2.08
N ALA A 641 1.21 -2.82 -2.14
CA ALA A 641 2.06 -2.23 -1.10
C ALA A 641 1.41 -2.40 0.26
N SER A 642 0.10 -2.19 0.32
CA SER A 642 -0.68 -2.33 1.57
C SER A 642 -0.51 -3.69 2.23
N THR A 643 -0.66 -4.73 1.44
CA THR A 643 -0.51 -6.11 1.91
C THR A 643 0.90 -6.37 2.40
N SER A 644 1.85 -5.69 1.79
CA SER A 644 3.26 -5.84 2.12
C SER A 644 3.71 -4.97 3.31
N GLY A 645 2.77 -4.34 4.00
CA GLY A 645 3.08 -3.54 5.18
C GLY A 645 3.40 -2.10 4.92
N VAL A 646 3.31 -1.65 3.66
CA VAL A 646 3.55 -0.24 3.31
C VAL A 646 2.19 0.43 3.18
N SER A 647 1.76 1.03 4.29
CA SER A 647 0.43 1.61 4.48
C SER A 647 0.32 3.07 4.11
N TYR A 648 1.35 3.84 4.43
CA TYR A 648 1.33 5.29 4.16
C TYR A 648 1.77 5.51 2.72
N TRP A 649 0.84 5.23 1.81
CA TRP A 649 1.11 5.21 0.39
C TRP A 649 0.39 6.33 -0.36
N ALA A 650 1.12 6.92 -1.30
CA ALA A 650 0.68 8.03 -2.11
C ALA A 650 0.87 7.72 -3.60
N TRP A 651 0.21 8.51 -4.44
CA TRP A 651 0.43 8.46 -5.90
C TRP A 651 0.28 9.90 -6.42
N ASP A 652 0.82 10.19 -7.61
CA ASP A 652 0.64 11.51 -8.22
C ASP A 652 -0.77 11.44 -8.81
N MSE A 653 -1.75 12.05 -8.16
CA MSE A 653 -3.14 11.95 -8.61
C MSE A 653 -3.27 12.43 -10.06
O MSE A 653 -2.81 13.49 -10.43
CB MSE A 653 -4.18 12.62 -7.70
CG MSE A 653 -3.84 14.07 -7.44
SE MSE A 653 -5.47 15.02 -6.82
CE MSE A 653 -6.22 15.24 -8.60
N ALA A 654 -3.87 11.57 -10.87
CA ALA A 654 -4.10 11.82 -12.30
C ALA A 654 -2.85 11.81 -13.19
N GLY A 655 -1.70 11.39 -12.65
CA GLY A 655 -0.46 11.28 -13.41
C GLY A 655 0.35 12.56 -13.40
N PHE A 656 1.68 12.43 -13.42
CA PHE A 656 2.55 13.64 -13.37
C PHE A 656 3.09 14.06 -14.72
N THR A 657 2.93 13.21 -15.72
CA THR A 657 3.47 13.52 -17.05
C THR A 657 2.58 13.01 -18.18
N GLY A 658 2.99 13.25 -19.42
CA GLY A 658 2.20 12.91 -20.60
C GLY A 658 1.31 14.10 -20.87
N ASP A 659 0.40 13.99 -21.83
CA ASP A 659 -0.55 15.06 -22.10
C ASP A 659 -1.39 15.34 -20.85
N TYR A 660 -1.79 16.59 -20.67
CA TYR A 660 -2.52 17.01 -19.50
C TYR A 660 -3.77 16.15 -19.33
N PRO A 661 -4.09 15.75 -18.08
CA PRO A 661 -5.26 14.89 -17.90
C PRO A 661 -6.57 15.51 -18.40
N THR A 662 -7.50 14.68 -18.87
CA THR A 662 -8.80 15.18 -19.22
C THR A 662 -9.51 15.58 -17.93
N ALA A 663 -10.54 16.39 -18.05
CA ALA A 663 -11.35 16.76 -16.90
C ALA A 663 -11.93 15.49 -16.24
N GLU A 664 -12.34 14.53 -17.04
CA GLU A 664 -12.88 13.25 -16.52
C GLU A 664 -11.84 12.50 -15.66
N LEU A 665 -10.64 12.33 -16.20
CA LEU A 665 -9.58 11.67 -15.44
C LEU A 665 -9.27 12.44 -14.18
N TYR A 666 -9.13 13.75 -14.31
CA TYR A 666 -8.82 14.58 -13.15
C TYR A 666 -9.85 14.39 -12.04
N LYS A 667 -11.12 14.41 -12.40
CA LYS A 667 -12.19 14.22 -11.41
C LYS A 667 -12.23 12.83 -10.79
N ARG A 668 -12.06 11.79 -11.62
CA ARG A 668 -12.08 10.42 -11.09
C ARG A 668 -10.87 10.21 -10.16
N ALA A 669 -9.71 10.67 -10.59
CA ALA A 669 -8.50 10.60 -9.78
C ALA A 669 -8.64 11.34 -8.46
N THR A 670 -9.22 12.54 -8.50
CA THR A 670 -9.41 13.33 -7.27
C THR A 670 -10.18 12.57 -6.22
N ALA A 671 -11.29 11.96 -6.64
CA ALA A 671 -12.13 11.19 -5.72
C ALA A 671 -11.38 10.03 -5.08
N MSE A 672 -10.67 9.21 -5.84
CA MSE A 672 -9.90 8.10 -5.25
C MSE A 672 -8.82 8.67 -4.34
O MSE A 672 -8.59 8.16 -3.24
CB MSE A 672 -9.31 7.17 -6.33
CG MSE A 672 -8.58 5.87 -5.89
SE MSE A 672 -6.73 6.29 -5.32
CE MSE A 672 -5.61 5.34 -6.65
N ALA A 673 -8.14 9.71 -4.80
CA ALA A 673 -7.03 10.32 -4.04
C ALA A 673 -7.48 10.80 -2.67
N ALA A 674 -8.67 11.40 -2.59
CA ALA A 674 -9.22 11.89 -1.32
C ALA A 674 -9.54 10.75 -0.36
N PHE A 675 -9.72 9.53 -0.90
CA PHE A 675 -10.01 8.31 -0.11
C PHE A 675 -8.86 7.30 -0.17
N ALA A 676 -7.63 7.81 -0.21
CA ALA A 676 -6.43 6.97 -0.22
C ALA A 676 -5.56 7.42 0.98
N PRO A 677 -4.53 6.65 1.33
CA PRO A 677 -3.76 6.99 2.52
C PRO A 677 -3.15 8.39 2.52
N ILE A 678 -2.54 8.78 1.42
CA ILE A 678 -1.87 10.08 1.29
C ILE A 678 -2.35 10.71 -0.01
N MSE A 679 -2.84 11.95 0.06
CA MSE A 679 -3.38 12.68 -1.12
C MSE A 679 -2.36 13.69 -1.56
O MSE A 679 -1.93 14.56 -0.77
CB MSE A 679 -4.69 13.37 -0.71
CG MSE A 679 -5.38 14.03 -1.89
SE MSE A 679 -6.94 15.06 -1.26
CE MSE A 679 -7.72 15.35 -3.03
N GLN A 680 -1.98 13.61 -2.84
CA GLN A 680 -0.89 14.46 -3.35
C GLN A 680 -0.94 14.67 -4.83
N PHE A 681 -0.83 15.93 -5.31
CA PHE A 681 -0.72 16.19 -6.75
C PHE A 681 0.72 16.61 -7.06
N HIS A 682 1.15 16.35 -8.29
CA HIS A 682 2.52 16.59 -8.71
C HIS A 682 2.60 16.65 -10.25
N SER A 683 3.67 17.26 -10.75
CA SER A 683 3.92 17.38 -12.20
C SER A 683 5.41 17.31 -12.52
N GLU A 684 5.72 16.70 -13.66
N GLU A 684 5.72 16.69 -13.66
CA GLU A 684 7.08 16.44 -14.08
CA GLU A 684 7.09 16.45 -14.07
C GLU A 684 7.85 17.58 -14.73
C GLU A 684 7.85 17.61 -14.69
N LYS A 685 7.21 18.33 -15.61
CA LYS A 685 7.90 19.39 -16.39
C LYS A 685 8.57 20.49 -15.57
N SER A 686 9.81 20.83 -15.95
CA SER A 686 10.58 21.82 -15.21
C SER A 686 10.29 23.27 -15.59
N ASP A 687 9.98 23.54 -16.85
CA ASP A 687 9.69 24.92 -17.28
C ASP A 687 8.71 24.95 -18.47
N PRO A 688 7.50 24.42 -18.27
CA PRO A 688 6.54 24.35 -19.35
C PRO A 688 5.73 25.62 -19.56
N SER A 689 5.15 25.75 -20.75
CA SER A 689 4.23 26.83 -21.06
C SER A 689 3.20 26.24 -22.04
N PRO A 690 1.92 26.15 -21.64
CA PRO A 690 1.36 26.54 -20.35
C PRO A 690 1.76 25.62 -19.20
N SER A 691 1.42 26.05 -17.99
CA SER A 691 1.71 25.30 -16.79
C SER A 691 1.20 23.86 -16.85
N GLU A 692 1.99 22.95 -16.27
CA GLU A 692 1.61 21.53 -16.18
C GLU A 692 1.15 21.14 -14.75
N GLU A 693 0.99 22.12 -13.86
CA GLU A 693 0.55 21.81 -12.50
C GLU A 693 -0.72 20.97 -12.52
N ARG A 694 -0.75 19.93 -11.70
CA ARG A 694 -1.94 19.10 -11.52
C ARG A 694 -2.78 19.63 -10.35
N SER A 695 -2.73 20.95 -10.16
CA SER A 695 -3.53 21.63 -9.17
C SER A 695 -4.93 21.79 -9.73
N PRO A 696 -5.93 21.98 -8.85
CA PRO A 696 -7.29 22.11 -9.41
C PRO A 696 -7.51 23.40 -10.20
N TRP A 697 -6.86 24.49 -9.80
CA TRP A 697 -7.00 25.76 -10.50
C TRP A 697 -6.34 25.66 -11.89
N ASN A 698 -5.19 25.00 -11.98
CA ASN A 698 -4.56 24.85 -13.28
C ASN A 698 -5.33 23.85 -14.13
N ALA A 699 -5.95 22.87 -13.49
CA ALA A 699 -6.77 21.89 -14.23
C ALA A 699 -7.98 22.57 -14.89
N VAL A 700 -8.59 23.50 -14.17
CA VAL A 700 -9.69 24.28 -14.72
C VAL A 700 -9.17 25.08 -15.90
N ALA A 701 -8.02 25.70 -15.73
CA ALA A 701 -7.41 26.50 -16.77
C ALA A 701 -7.07 25.69 -18.02
N ARG A 702 -6.48 24.51 -17.85
CA ARG A 702 -6.06 23.70 -18.99
C ARG A 702 -7.20 22.99 -19.75
N THR A 703 -8.22 22.54 -19.02
CA THR A 703 -9.33 21.81 -19.62
C THR A 703 -10.52 22.70 -20.02
N GLY A 704 -10.57 23.90 -19.44
CA GLY A 704 -11.67 24.82 -19.64
C GLY A 704 -12.91 24.42 -18.87
N ASP A 705 -12.82 23.41 -18.02
CA ASP A 705 -13.97 22.89 -17.26
C ASP A 705 -14.02 23.47 -15.85
N GLU A 706 -14.83 24.51 -15.67
CA GLU A 706 -14.93 25.16 -14.38
C GLU A 706 -15.46 24.28 -13.25
N THR A 707 -16.20 23.21 -13.59
CA THR A 707 -16.77 22.33 -12.59
C THR A 707 -15.72 21.48 -11.87
N ILE A 708 -14.50 21.42 -12.41
CA ILE A 708 -13.43 20.72 -11.70
C ILE A 708 -13.23 21.30 -10.30
N LEU A 709 -13.33 22.62 -10.15
CA LEU A 709 -13.03 23.22 -8.84
C LEU A 709 -13.99 22.78 -7.72
N PRO A 710 -15.31 22.90 -7.94
CA PRO A 710 -16.23 22.44 -6.88
C PRO A 710 -16.15 20.95 -6.59
N THR A 711 -15.89 20.15 -7.62
CA THR A 711 -15.74 18.73 -7.42
C THR A 711 -14.50 18.43 -6.57
N PHE A 712 -13.38 19.08 -6.85
CA PHE A 712 -12.17 18.90 -6.07
C PHE A 712 -12.40 19.36 -4.63
N GLN A 713 -13.01 20.53 -4.47
CA GLN A 713 -13.37 21.06 -3.15
C GLN A 713 -14.21 20.04 -2.37
N LYS A 714 -15.24 19.47 -2.98
CA LYS A 714 -16.07 18.47 -2.31
C LYS A 714 -15.23 17.33 -1.73
N TYR A 715 -14.34 16.76 -2.54
CA TYR A 715 -13.51 15.63 -2.08
C TYR A 715 -12.48 16.03 -1.04
N LEU A 716 -11.81 17.16 -1.24
CA LEU A 716 -10.87 17.67 -0.23
C LEU A 716 -11.59 17.95 1.10
N TYR A 717 -12.75 18.60 1.02
CA TYR A 717 -13.48 18.95 2.25
C TYR A 717 -13.97 17.69 2.93
N THR A 718 -14.41 16.70 2.16
CA THR A 718 -14.82 15.42 2.73
C THR A 718 -13.66 14.73 3.43
N ARG A 719 -12.48 14.74 2.81
CA ARG A 719 -11.30 14.15 3.47
C ARG A 719 -11.03 14.85 4.80
N MSE A 720 -11.19 16.17 4.84
CA MSE A 720 -10.90 16.90 6.08
C MSE A 720 -11.99 16.61 7.09
O MSE A 720 -11.72 16.60 8.28
CB MSE A 720 -10.66 18.38 5.85
CG MSE A 720 -9.49 18.74 4.93
SE MSE A 720 -7.81 17.85 5.44
CE MSE A 720 -7.20 19.09 6.82
N ASN A 721 -13.24 16.41 6.64
CA ASN A 721 -14.33 15.99 7.55
C ASN A 721 -14.02 14.62 8.15
N LEU A 722 -13.39 13.74 7.36
CA LEU A 722 -13.03 12.38 7.82
C LEU A 722 -11.65 12.27 8.45
N LEU A 723 -10.96 13.39 8.61
CA LEU A 723 -9.59 13.35 9.14
C LEU A 723 -9.49 12.66 10.50
N PRO A 724 -10.45 12.85 11.40
CA PRO A 724 -10.36 12.12 12.69
C PRO A 724 -10.36 10.58 12.51
N TYR A 725 -11.15 10.10 11.55
CA TYR A 725 -11.20 8.67 11.21
C TYR A 725 -9.93 8.24 10.49
N ILE A 726 -9.47 9.04 9.53
CA ILE A 726 -8.27 8.74 8.78
C ILE A 726 -7.05 8.68 9.68
N TYR A 727 -6.93 9.62 10.61
CA TYR A 727 -5.76 9.67 11.46
C TYR A 727 -5.80 8.53 12.49
N THR A 728 -6.97 8.15 12.98
CA THR A 728 -7.08 6.97 13.85
C THR A 728 -6.61 5.72 13.08
N ALA A 729 -6.97 5.63 11.80
CA ALA A 729 -6.54 4.49 10.98
C ALA A 729 -5.02 4.51 10.80
N ALA A 730 -4.43 5.71 10.67
CA ALA A 730 -2.98 5.81 10.57
C ALA A 730 -2.32 5.25 11.84
N LYS A 731 -2.91 5.58 13.00
CA LYS A 731 -2.45 5.06 14.28
C LYS A 731 -2.59 3.53 14.37
N ASP A 732 -3.70 3.00 13.88
CA ASP A 732 -3.95 1.53 13.89
C ASP A 732 -2.90 0.82 13.02
N THR A 733 -2.43 1.48 11.95
CA THR A 733 -1.34 0.90 11.16
C THR A 733 -0.10 0.75 12.03
N ALA A 734 0.28 1.84 12.67
CA ALA A 734 1.47 1.89 13.49
C ALA A 734 1.41 0.92 14.68
N ASP A 735 0.23 0.78 15.29
CA ASP A 735 0.09 -0.08 16.44
C ASP A 735 -0.19 -1.55 16.14
N ASN A 736 -1.04 -1.80 15.14
CA ASN A 736 -1.54 -3.14 14.90
C ASN A 736 -1.32 -3.72 13.54
N GLY A 737 -0.49 -3.08 12.74
CA GLY A 737 -0.17 -3.58 11.40
C GLY A 737 -1.27 -3.56 10.37
N LYS A 738 -2.38 -2.90 10.67
CA LYS A 738 -3.50 -2.90 9.75
C LYS A 738 -3.37 -1.72 8.81
N SER A 739 -3.17 -2.01 7.53
CA SER A 739 -3.00 -0.96 6.55
C SER A 739 -4.26 -0.14 6.35
N MSE A 740 -4.08 1.12 5.98
CA MSE A 740 -5.20 2.06 5.81
C MSE A 740 -6.09 1.73 4.64
O MSE A 740 -7.31 1.84 4.75
CB MSE A 740 -4.63 3.48 5.64
CG MSE A 740 -4.03 3.96 6.98
SE MSE A 740 -3.14 5.69 6.73
CE MSE A 740 -4.69 6.88 6.59
N MSE A 741 -5.50 1.40 3.50
CA MSE A 741 -6.22 1.02 2.31
C MSE A 741 -5.94 -0.42 2.05
O MSE A 741 -4.79 -0.80 1.93
CB MSE A 741 -5.75 1.86 1.13
CG MSE A 741 -6.44 1.46 -0.17
SE MSE A 741 -6.07 2.75 -1.63
CE MSE A 741 -4.24 2.20 -1.68
N ARG A 742 -6.97 -1.23 1.89
CA ARG A 742 -6.79 -2.69 1.76
C ARG A 742 -7.61 -3.37 0.66
N GLN A 743 -6.96 -4.31 -0.01
CA GLN A 743 -7.59 -5.12 -1.05
C GLN A 743 -8.68 -5.95 -0.33
N MSE A 744 -9.81 -6.20 -0.99
CA MSE A 744 -10.97 -6.81 -0.32
C MSE A 744 -10.72 -8.13 0.38
O MSE A 744 -11.31 -8.39 1.45
CB MSE A 744 -12.14 -7.00 -1.29
CG MSE A 744 -12.67 -5.70 -1.92
SE MSE A 744 -13.45 -4.39 -0.67
CE MSE A 744 -14.91 -5.56 -0.05
N ALA A 745 -9.86 -8.98 -0.21
CA ALA A 745 -9.53 -10.28 0.39
C ALA A 745 -8.77 -10.18 1.69
N MSE A 746 -8.24 -9.00 2.03
CA MSE A 746 -7.56 -8.84 3.30
C MSE A 746 -8.57 -8.84 4.43
O MSE A 746 -8.23 -9.24 5.55
CB MSE A 746 -6.73 -7.55 3.41
CG MSE A 746 -5.60 -7.43 2.39
SE MSE A 746 -4.29 -8.88 2.52
CE MSE A 746 -3.66 -8.45 4.32
N ASP A 747 -9.80 -8.39 4.20
CA ASP A 747 -10.85 -8.41 5.23
C ASP A 747 -11.82 -9.59 5.03
N TYR A 748 -11.88 -10.13 3.81
CA TYR A 748 -12.80 -11.23 3.46
C TYR A 748 -12.08 -12.37 2.70
N PRO A 749 -11.10 -13.04 3.34
CA PRO A 749 -10.32 -14.04 2.64
C PRO A 749 -11.08 -15.27 2.11
N GLU A 750 -12.16 -15.64 2.77
CA GLU A 750 -12.96 -16.79 2.34
C GLU A 750 -13.95 -16.47 1.23
N ASP A 751 -14.16 -15.18 0.96
CA ASP A 751 -15.16 -14.76 -0.01
C ASP A 751 -14.57 -14.87 -1.40
N VAL A 752 -15.04 -15.84 -2.18
CA VAL A 752 -14.47 -16.10 -3.52
C VAL A 752 -14.63 -14.90 -4.47
N ASN A 753 -15.64 -14.06 -4.23
CA ASN A 753 -15.89 -12.88 -5.07
C ASN A 753 -14.85 -11.77 -4.86
N ALA A 754 -14.19 -11.81 -3.71
CA ALA A 754 -13.22 -10.76 -3.35
C ALA A 754 -11.80 -10.99 -3.81
N ARG A 755 -11.53 -12.19 -4.36
CA ARG A 755 -10.17 -12.60 -4.61
C ARG A 755 -9.34 -11.75 -5.56
N ASP A 756 -9.95 -11.29 -6.64
CA ASP A 756 -9.18 -10.61 -7.68
C ASP A 756 -9.55 -9.16 -7.87
N LEU A 757 -10.34 -8.60 -6.96
CA LEU A 757 -10.82 -7.25 -7.10
C LEU A 757 -9.70 -6.22 -7.00
N ASP A 758 -9.66 -5.34 -7.99
CA ASP A 758 -8.64 -4.30 -8.02
C ASP A 758 -9.17 -2.92 -8.34
N GLU A 759 -10.50 -2.76 -8.29
CA GLU A 759 -11.15 -1.48 -8.56
C GLU A 759 -12.10 -1.05 -7.43
N GLN A 760 -11.84 -1.57 -6.23
CA GLN A 760 -12.54 -1.19 -4.99
C GLN A 760 -11.65 -1.63 -3.86
N TYR A 761 -11.90 -1.10 -2.66
CA TYR A 761 -11.06 -1.42 -1.51
C TYR A 761 -11.69 -0.93 -0.21
N MSE A 762 -11.12 -1.38 0.90
CA MSE A 762 -11.52 -0.92 2.22
C MSE A 762 -10.61 0.23 2.58
O MSE A 762 -9.41 0.20 2.31
CB MSE A 762 -11.39 -2.02 3.26
CG MSE A 762 -12.24 -3.26 3.04
SE MSE A 762 -14.18 -2.88 2.90
CE MSE A 762 -14.48 -2.13 4.68
N PHE A 763 -11.16 1.25 3.25
CA PHE A 763 -10.42 2.41 3.68
C PHE A 763 -10.76 2.60 5.15
N GLY A 764 -9.76 2.48 6.02
CA GLY A 764 -10.02 2.46 7.45
C GLY A 764 -10.74 1.14 7.73
N ASP A 765 -11.35 1.02 8.89
CA ASP A 765 -11.99 -0.26 9.25
C ASP A 765 -13.35 -0.47 8.57
N ASP A 766 -13.99 0.64 8.23
CA ASP A 766 -15.41 0.62 7.89
C ASP A 766 -15.90 0.98 6.52
N LEU A 767 -15.08 1.64 5.71
CA LEU A 767 -15.55 2.17 4.43
C LEU A 767 -15.10 1.35 3.24
N LEU A 768 -16.07 1.01 2.40
CA LEU A 768 -15.84 0.31 1.14
C LEU A 768 -15.92 1.41 0.08
N VAL A 769 -14.78 1.66 -0.59
CA VAL A 769 -14.61 2.69 -1.60
C VAL A 769 -14.52 2.03 -2.97
N ALA A 770 -15.27 2.55 -3.95
CA ALA A 770 -15.29 2.00 -5.31
C ALA A 770 -15.05 3.03 -6.39
N PRO A 771 -13.78 3.42 -6.57
CA PRO A 771 -13.48 4.44 -7.57
C PRO A 771 -13.76 3.96 -8.99
N ILE A 772 -14.03 4.90 -9.88
CA ILE A 772 -14.23 4.60 -11.28
C ILE A 772 -12.88 4.85 -11.95
N VAL A 773 -12.26 3.76 -12.40
CA VAL A 773 -10.95 3.81 -13.00
C VAL A 773 -10.95 3.40 -14.48
N GLN A 774 -12.14 3.38 -15.08
CA GLN A 774 -12.30 3.09 -16.51
C GLN A 774 -12.82 4.35 -17.22
N GLU A 775 -12.17 4.69 -18.32
CA GLU A 775 -12.58 5.82 -19.12
C GLU A 775 -13.99 5.63 -19.63
N GLY A 776 -14.80 6.70 -19.54
CA GLY A 776 -16.18 6.70 -19.98
C GLY A 776 -17.21 5.94 -19.15
N GLN A 777 -16.79 5.36 -18.05
CA GLN A 777 -17.70 4.55 -17.23
C GLN A 777 -18.55 5.39 -16.27
N THR A 778 -19.84 5.07 -16.24
CA THR A 778 -20.75 5.63 -15.23
C THR A 778 -21.56 4.54 -14.49
N GLU A 779 -21.64 3.31 -15.01
CA GLU A 779 -22.31 2.21 -14.30
C GLU A 779 -21.22 1.43 -13.59
N LYS A 780 -21.05 1.70 -12.31
CA LYS A 780 -19.98 1.09 -11.55
C LYS A 780 -20.45 -0.18 -10.85
N GLU A 781 -19.80 -1.32 -11.12
CA GLU A 781 -20.10 -2.57 -10.39
C GLU A 781 -19.31 -2.56 -9.07
N VAL A 782 -19.99 -2.86 -7.98
CA VAL A 782 -19.38 -2.90 -6.68
C VAL A 782 -19.74 -4.24 -6.03
N TYR A 783 -18.72 -5.03 -5.70
CA TYR A 783 -18.96 -6.27 -4.99
C TYR A 783 -19.18 -5.92 -3.52
N LEU A 784 -20.32 -6.35 -2.98
CA LEU A 784 -20.63 -6.13 -1.55
C LEU A 784 -20.57 -7.46 -0.81
N PRO A 785 -19.58 -7.64 0.09
CA PRO A 785 -19.61 -8.84 0.92
C PRO A 785 -20.89 -8.98 1.77
N GLU A 786 -21.16 -10.20 2.25
N GLU A 786 -21.19 -10.19 2.24
CA GLU A 786 -22.33 -10.43 3.11
CA GLU A 786 -22.37 -10.40 3.07
C GLU A 786 -22.31 -9.44 4.27
C GLU A 786 -22.31 -9.42 4.24
N GLY A 787 -23.47 -8.87 4.57
CA GLY A 787 -23.60 -7.87 5.64
C GLY A 787 -24.28 -6.67 5.02
N GLU A 788 -24.66 -5.70 5.84
CA GLU A 788 -25.31 -4.52 5.32
C GLU A 788 -24.33 -3.37 5.07
N TRP A 789 -24.51 -2.68 3.93
CA TRP A 789 -23.69 -1.54 3.54
C TRP A 789 -24.55 -0.31 3.31
N VAL A 790 -24.15 0.82 3.88
CA VAL A 790 -24.95 2.05 3.72
C VAL A 790 -24.13 3.12 2.99
N ASP A 791 -24.74 3.71 1.97
CA ASP A 791 -24.15 4.78 1.15
C ASP A 791 -23.95 5.99 2.08
N ILE A 792 -22.70 6.40 2.28
CA ILE A 792 -22.44 7.46 3.28
C ILE A 792 -22.94 8.82 2.87
N TRP A 793 -23.18 9.01 1.57
CA TRP A 793 -23.61 10.29 1.04
C TRP A 793 -25.09 10.57 1.19
N ASN A 794 -25.91 9.52 1.13
CA ASN A 794 -27.37 9.70 1.08
C ASN A 794 -28.23 8.74 1.91
N GLY A 795 -27.62 7.76 2.57
CA GLY A 795 -28.36 6.83 3.38
C GLY A 795 -28.98 5.67 2.64
N GLY A 796 -28.62 5.47 1.37
CA GLY A 796 -29.10 4.31 0.61
C GLY A 796 -28.60 2.99 1.25
N VAL A 797 -29.50 2.04 1.48
CA VAL A 797 -29.14 0.78 2.14
C VAL A 797 -28.89 -0.28 1.06
N HIS A 798 -27.81 -1.04 1.22
CA HIS A 798 -27.45 -2.07 0.24
C HIS A 798 -27.04 -3.37 0.95
N PRO A 799 -27.99 -4.30 1.12
CA PRO A 799 -27.63 -5.59 1.67
C PRO A 799 -26.58 -6.24 0.78
N GLY A 800 -25.60 -6.86 1.39
CA GLY A 800 -24.50 -7.52 0.67
C GLY A 800 -24.80 -8.92 0.19
N GLY A 801 -23.81 -9.52 -0.48
CA GLY A 801 -23.92 -10.85 -1.02
C GLY A 801 -24.07 -10.91 -2.54
N GLU A 802 -23.66 -9.85 -3.24
CA GLU A 802 -23.77 -9.79 -4.69
C GLU A 802 -22.97 -8.60 -5.20
N THR A 803 -22.87 -8.53 -6.53
CA THR A 803 -22.26 -7.38 -7.18
C THR A 803 -23.38 -6.46 -7.62
N ILE A 804 -23.45 -5.27 -7.03
CA ILE A 804 -24.50 -4.31 -7.42
C ILE A 804 -24.00 -3.38 -8.53
N SER A 805 -24.94 -2.69 -9.16
N SER A 805 -24.94 -2.68 -9.18
CA SER A 805 -24.63 -1.67 -10.15
CA SER A 805 -24.60 -1.67 -10.18
C SER A 805 -24.99 -0.35 -9.48
C SER A 805 -25.03 -0.31 -9.64
N TYR A 806 -24.07 0.61 -9.53
CA TYR A 806 -24.28 1.93 -8.94
C TYR A 806 -23.98 3.01 -9.99
N TYR A 807 -24.97 3.84 -10.27
CA TYR A 807 -24.81 4.90 -11.25
C TYR A 807 -23.98 6.00 -10.61
N ALA A 808 -22.79 6.23 -11.17
CA ALA A 808 -21.86 7.24 -10.67
C ALA A 808 -21.49 8.20 -11.77
N ASP A 809 -22.10 9.40 -11.75
CA ASP A 809 -21.70 10.41 -12.73
C ASP A 809 -20.25 10.83 -12.40
N VAL A 810 -19.66 11.70 -13.24
CA VAL A 810 -18.23 12.00 -13.12
C VAL A 810 -17.82 12.67 -11.80
N ASP A 811 -18.80 13.22 -11.08
CA ASP A 811 -18.56 13.87 -9.80
C ASP A 811 -18.83 12.98 -8.58
N THR A 812 -19.23 11.73 -8.84
CA THR A 812 -19.71 10.80 -7.82
C THR A 812 -18.78 9.63 -7.55
N LEU A 813 -18.61 9.32 -6.27
CA LEU A 813 -17.78 8.19 -5.85
C LEU A 813 -18.59 7.31 -4.90
N PRO A 814 -18.86 6.06 -5.28
CA PRO A 814 -19.60 5.18 -4.36
C PRO A 814 -18.75 4.86 -3.13
N VAL A 815 -19.28 5.14 -1.93
CA VAL A 815 -18.59 4.88 -0.67
C VAL A 815 -19.66 4.39 0.30
N PHE A 816 -19.39 3.29 0.99
CA PHE A 816 -20.37 2.63 1.84
C PHE A 816 -19.74 2.29 3.17
N ALA A 817 -20.55 2.41 4.22
CA ALA A 817 -20.12 2.05 5.55
C ALA A 817 -20.69 0.71 5.96
N LYS A 818 -19.85 -0.09 6.63
CA LYS A 818 -20.28 -1.42 7.04
C LYS A 818 -21.12 -1.37 8.30
N ALA A 819 -21.87 -2.44 8.51
CA ALA A 819 -22.76 -2.53 9.68
C ALA A 819 -21.98 -2.40 10.96
N GLY A 820 -22.46 -1.56 11.86
CA GLY A 820 -21.82 -1.36 13.17
C GLY A 820 -20.77 -0.28 13.19
N ALA A 821 -20.47 0.32 12.05
CA ALA A 821 -19.46 1.36 11.99
C ALA A 821 -19.76 2.56 12.90
N ILE A 822 -18.69 3.06 13.51
CA ILE A 822 -18.64 4.26 14.34
C ILE A 822 -17.52 5.10 13.71
N ILE A 823 -17.88 6.21 13.07
CA ILE A 823 -16.90 6.97 12.28
C ILE A 823 -16.79 8.40 12.80
N PRO A 824 -15.61 8.77 13.36
CA PRO A 824 -15.48 10.13 13.85
C PRO A 824 -15.27 11.08 12.70
N MSE A 825 -15.81 12.30 12.82
CA MSE A 825 -15.78 13.30 11.77
C MSE A 825 -15.61 14.68 12.39
O MSE A 825 -15.98 14.90 13.52
CB MSE A 825 -17.10 13.30 11.02
CG MSE A 825 -17.32 11.97 10.30
SE MSE A 825 -19.05 11.95 9.37
CE MSE A 825 -19.04 10.22 8.44
N ASN A 826 -15.04 15.61 11.63
CA ASN A 826 -14.92 17.00 12.05
C ASN A 826 -15.86 17.75 11.10
N MSE A 827 -17.02 18.16 11.62
N MSE A 827 -17.00 18.20 11.61
CA MSE A 827 -18.05 18.81 10.81
CA MSE A 827 -18.00 18.85 10.78
C MSE A 827 -18.25 20.26 11.12
C MSE A 827 -18.25 20.27 11.12
O MSE A 827 -17.90 20.73 12.22
O MSE A 827 -17.92 20.73 12.24
CB MSE A 827 -19.39 18.09 11.07
CB MSE A 827 -19.29 18.04 10.89
CG MSE A 827 -19.36 16.61 10.74
CG MSE A 827 -19.09 16.71 10.18
SE MSE A 827 -19.23 16.33 8.79
SE MSE A 827 -20.75 15.66 10.31
CE MSE A 827 -20.76 15.11 8.50
CE MSE A 827 -20.98 15.34 8.38
N THR A 828 -18.81 21.00 10.16
CA THR A 828 -19.21 22.40 10.38
C THR A 828 -20.61 22.40 11.01
N ASP A 829 -21.15 23.58 11.33
CA ASP A 829 -22.52 23.65 11.83
C ASP A 829 -23.55 23.20 10.79
N GLY A 830 -23.12 23.01 9.54
CA GLY A 830 -23.98 22.45 8.50
C GLY A 830 -24.16 20.93 8.64
N TYR A 831 -23.17 20.27 9.22
CA TYR A 831 -23.24 18.84 9.52
C TYR A 831 -23.39 17.89 8.32
N GLN A 832 -22.98 18.33 7.14
CA GLN A 832 -23.01 17.46 5.95
C GLN A 832 -21.58 17.22 5.49
N LEU A 833 -21.36 16.05 4.88
CA LEU A 833 -20.08 15.74 4.28
C LEU A 833 -19.79 16.69 3.13
N GLY A 834 -18.55 17.13 3.01
CA GLY A 834 -18.17 18.00 1.91
C GLY A 834 -18.23 19.48 2.23
N GLN A 835 -18.30 19.81 3.51
CA GLN A 835 -18.33 21.21 3.96
C GLN A 835 -16.97 21.55 4.60
N ASN A 836 -16.39 22.66 4.15
CA ASN A 836 -15.06 23.07 4.55
C ASN A 836 -14.85 23.40 6.02
N VAL A 837 -14.05 22.59 6.69
CA VAL A 837 -13.64 22.86 8.09
C VAL A 837 -12.24 23.46 8.19
N GLY A 838 -11.59 23.72 7.07
CA GLY A 838 -10.25 24.32 7.06
C GLY A 838 -9.16 23.30 7.33
N ASN A 839 -8.00 23.78 7.73
CA ASN A 839 -6.83 22.91 7.97
C ASN A 839 -6.23 23.07 9.34
N ASP A 840 -7.07 23.45 10.31
CA ASP A 840 -6.65 23.59 11.69
C ASP A 840 -6.52 22.19 12.24
N LEU A 841 -5.31 21.84 12.65
CA LEU A 841 -5.07 20.51 13.14
C LEU A 841 -5.04 20.48 14.66
N LYS A 842 -5.21 21.66 15.28
CA LYS A 842 -5.13 21.85 16.73
C LYS A 842 -6.48 21.80 17.46
N SER A 843 -7.57 21.83 16.71
CA SER A 843 -8.91 21.77 17.33
C SER A 843 -9.92 21.21 16.34
N TYR A 844 -11.08 20.81 16.85
CA TYR A 844 -12.19 20.36 15.98
C TYR A 844 -13.19 21.51 15.93
N ASP A 845 -14.07 21.49 14.91
CA ASP A 845 -15.18 22.44 14.81
C ASP A 845 -16.28 21.71 15.58
N ASN A 846 -17.03 20.81 14.94
CA ASN A 846 -17.98 19.96 15.65
C ASN A 846 -17.54 18.51 15.56
N LEU A 847 -16.96 17.99 16.64
CA LEU A 847 -16.52 16.58 16.64
C LEU A 847 -17.82 15.77 16.62
N THR A 848 -17.92 14.88 15.63
CA THR A 848 -19.13 14.15 15.37
C THR A 848 -18.83 12.65 15.19
N PHE A 849 -19.71 11.78 15.67
CA PHE A 849 -19.54 10.35 15.41
C PHE A 849 -20.74 9.83 14.63
N ARG A 850 -20.51 9.40 13.38
CA ARG A 850 -21.53 8.78 12.54
C ARG A 850 -21.62 7.29 12.93
N VAL A 851 -22.84 6.82 13.21
CA VAL A 851 -23.06 5.47 13.66
C VAL A 851 -24.11 4.73 12.85
N TYR A 852 -23.77 3.52 12.40
CA TYR A 852 -24.68 2.63 11.71
C TYR A 852 -24.91 1.46 12.67
N PRO A 853 -25.91 1.56 13.55
CA PRO A 853 -26.06 0.54 14.60
C PRO A 853 -26.38 -0.85 14.08
N SER A 854 -25.70 -1.85 14.65
CA SER A 854 -25.92 -3.26 14.31
C SER A 854 -25.28 -4.10 15.39
N GLY A 855 -26.09 -4.71 16.24
CA GLY A 855 -25.57 -5.48 17.37
C GLY A 855 -24.72 -4.59 18.28
N ASP A 856 -23.71 -5.19 18.90
CA ASP A 856 -22.79 -4.46 19.77
C ASP A 856 -21.52 -4.14 18.98
N SER A 857 -21.17 -2.86 18.94
CA SER A 857 -19.94 -2.43 18.27
C SER A 857 -19.14 -1.51 19.17
N GLU A 858 -17.84 -1.44 18.90
N GLU A 858 -17.83 -1.47 18.91
CA GLU A 858 -16.91 -0.68 19.73
CA GLU A 858 -16.90 -0.66 19.70
C GLU A 858 -15.79 -0.07 18.86
C GLU A 858 -15.91 0.01 18.77
N TYR A 859 -15.36 1.13 19.21
CA TYR A 859 -14.35 1.83 18.43
C TYR A 859 -13.44 2.62 19.33
N SER A 860 -12.14 2.49 19.11
N SER A 860 -12.14 2.48 19.12
CA SER A 860 -11.15 3.23 19.88
CA SER A 860 -11.13 3.21 19.90
C SER A 860 -10.68 4.40 19.04
C SER A 860 -10.65 4.40 19.08
N PHE A 861 -11.13 5.59 19.42
CA PHE A 861 -10.80 6.81 18.73
C PHE A 861 -9.50 7.41 19.26
N TYR A 862 -8.61 7.81 18.36
CA TYR A 862 -7.35 8.45 18.74
C TYR A 862 -7.56 9.95 18.74
N ASP A 863 -7.69 10.51 19.94
CA ASP A 863 -8.01 11.93 20.08
C ASP A 863 -6.73 12.73 20.16
N ASP A 864 -6.12 12.96 19.00
CA ASP A 864 -4.83 13.63 18.98
C ASP A 864 -4.96 15.11 19.35
N VAL A 865 -6.11 15.73 19.08
CA VAL A 865 -6.32 17.13 19.46
C VAL A 865 -6.16 17.32 20.96
N ASN A 866 -6.64 16.34 21.73
CA ASN A 866 -6.60 16.41 23.18
C ASN A 866 -5.60 15.45 23.84
N GLY A 867 -4.33 15.58 23.46
CA GLY A 867 -3.25 14.81 24.07
C GLY A 867 -3.02 13.39 23.58
N GLY A 868 -3.73 12.96 22.53
CA GLY A 868 -3.55 11.62 21.99
C GLY A 868 -4.15 10.53 22.85
N GLU A 869 -5.20 10.87 23.59
CA GLU A 869 -5.86 9.92 24.46
C GLU A 869 -6.76 9.01 23.61
N MSE A 870 -6.83 7.72 23.95
N MSE A 870 -6.84 7.74 23.98
CA MSE A 870 -7.73 6.80 23.25
CA MSE A 870 -7.74 6.80 23.33
C MSE A 870 -9.08 6.85 23.93
C MSE A 870 -9.08 6.98 23.96
O MSE A 870 -9.19 6.62 25.13
O MSE A 870 -9.20 7.00 25.19
CB MSE A 870 -7.22 5.36 23.20
CB MSE A 870 -7.34 5.35 23.59
CG MSE A 870 -5.80 5.30 22.66
CG MSE A 870 -6.43 4.80 22.50
SE MSE A 870 -5.68 5.55 20.70
SE MSE A 870 -5.67 3.10 23.12
CE MSE A 870 -7.31 4.61 20.13
CE MSE A 870 -5.24 3.56 25.00
N ARG A 871 -10.13 7.15 23.15
CA ARG A 871 -11.48 7.27 23.65
C ARG A 871 -12.26 6.09 23.13
N ASP A 872 -12.67 5.20 24.05
CA ASP A 872 -13.44 4.01 23.67
C ASP A 872 -14.95 4.26 23.64
N ILE A 873 -15.53 4.20 22.46
CA ILE A 873 -16.95 4.45 22.25
C ILE A 873 -17.60 3.10 21.96
N SER A 874 -18.74 2.82 22.59
N SER A 874 -18.73 2.82 22.60
CA SER A 874 -19.44 1.58 22.33
CA SER A 874 -19.45 1.57 22.36
C SER A 874 -20.91 1.86 22.02
C SER A 874 -20.91 1.87 22.03
N VAL A 875 -21.47 1.05 21.13
CA VAL A 875 -22.86 1.18 20.71
C VAL A 875 -23.55 -0.16 20.87
N SER A 876 -24.74 -0.16 21.45
CA SER A 876 -25.51 -1.37 21.61
C SER A 876 -26.88 -1.19 20.97
N GLU A 877 -27.05 -1.85 19.82
CA GLU A 877 -28.31 -1.79 19.06
C GLU A 877 -29.29 -2.83 19.55
N ASP A 878 -30.50 -2.40 19.88
CA ASP A 878 -31.58 -3.30 20.34
C ASP A 878 -32.91 -2.87 19.72
N PHE A 879 -32.97 -2.94 18.39
CA PHE A 879 -34.17 -2.54 17.65
C PHE A 879 -35.38 -3.41 17.98
N ALA A 880 -35.20 -4.64 18.48
CA ALA A 880 -36.36 -5.45 18.89
C ALA A 880 -37.11 -4.74 20.02
N ASN A 881 -36.39 -3.94 20.82
CA ASN A 881 -37.01 -3.13 21.88
C ASN A 881 -37.00 -1.64 21.55
N GLU A 882 -36.84 -1.33 20.26
CA GLU A 882 -36.79 0.02 19.74
C GLU A 882 -35.79 0.95 20.47
N LYS A 883 -34.60 0.42 20.74
CA LYS A 883 -33.55 1.21 21.41
C LYS A 883 -32.17 1.06 20.80
N VAL A 884 -31.40 2.14 20.86
CA VAL A 884 -29.98 2.14 20.54
C VAL A 884 -29.31 2.90 21.67
N SER A 885 -28.28 2.31 22.26
CA SER A 885 -27.59 2.91 23.38
C SER A 885 -26.17 3.20 22.98
N VAL A 886 -25.65 4.34 23.43
CA VAL A 886 -24.29 4.74 23.14
C VAL A 886 -23.60 5.06 24.45
N ASP A 887 -22.46 4.41 24.68
N ASP A 887 -22.45 4.42 24.66
CA ASP A 887 -21.67 4.65 25.88
CA ASP A 887 -21.61 4.61 25.84
C ASP A 887 -20.49 5.53 25.46
C ASP A 887 -20.47 5.53 25.43
N LEU A 888 -20.58 6.80 25.81
CA LEU A 888 -19.58 7.79 25.46
C LEU A 888 -18.63 7.94 26.63
N PRO A 889 -17.31 7.84 26.39
CA PRO A 889 -16.37 8.01 27.48
C PRO A 889 -16.19 9.49 27.78
N ALA A 890 -15.42 9.82 28.81
CA ALA A 890 -15.13 11.23 29.13
C ALA A 890 -14.54 11.87 27.87
N MSE A 891 -15.00 13.07 27.52
CA MSE A 891 -14.46 13.78 26.35
C MSE A 891 -14.14 15.19 26.76
O MSE A 891 -14.79 15.77 27.65
CB MSE A 891 -15.45 13.86 25.20
CG MSE A 891 -16.09 12.54 24.80
SE MSE A 891 -14.80 11.44 23.76
CE MSE A 891 -14.69 12.52 22.14
N ALA A 892 -13.16 15.77 26.07
CA ALA A 892 -12.75 17.15 26.32
C ALA A 892 -13.65 18.15 25.60
N ASP A 893 -14.31 17.69 24.54
CA ASP A 893 -15.13 18.55 23.71
C ASP A 893 -16.59 18.10 23.69
N GLU A 894 -17.45 19.04 23.31
CA GLU A 894 -18.85 18.77 23.00
C GLU A 894 -18.83 17.73 21.89
N THR A 895 -19.75 16.77 21.93
CA THR A 895 -19.80 15.75 20.87
C THR A 895 -21.19 15.65 20.27
N THR A 896 -21.23 15.30 18.98
CA THR A 896 -22.48 15.11 18.29
C THR A 896 -22.52 13.70 17.70
N MSE A 897 -23.51 12.93 18.06
CA MSE A 897 -23.69 11.60 17.45
C MSE A 897 -24.58 11.82 16.25
O MSE A 897 -25.46 12.70 16.29
CB MSE A 897 -24.46 10.68 18.40
CG MSE A 897 -23.91 10.54 19.81
SE MSE A 897 -22.04 9.90 19.77
CE MSE A 897 -22.26 8.18 18.83
N GLN A 898 -24.38 11.07 15.17
CA GLN A 898 -25.29 11.04 14.02
C GLN A 898 -25.62 9.58 13.82
N VAL A 899 -26.77 9.17 14.36
CA VAL A 899 -27.16 7.76 14.36
C VAL A 899 -28.18 7.45 13.27
N PHE A 900 -27.85 6.49 12.42
CA PHE A 900 -28.72 6.06 11.31
C PHE A 900 -29.90 5.31 11.95
N SER A 901 -31.10 5.87 11.84
CA SER A 901 -32.31 5.31 12.48
C SER A 901 -33.54 6.08 12.07
N THR A 902 -34.70 5.61 12.52
CA THR A 902 -35.90 6.41 12.37
C THR A 902 -35.90 7.43 13.51
N GLU A 903 -36.88 8.31 13.51
CA GLU A 903 -36.96 9.38 14.49
C GLU A 903 -37.33 8.88 15.88
N PRO A 904 -36.52 9.19 16.89
CA PRO A 904 -36.83 8.72 18.24
C PRO A 904 -38.07 9.37 18.81
N THR A 905 -38.67 8.72 19.82
CA THR A 905 -39.78 9.30 20.58
C THR A 905 -39.20 10.12 21.73
N SER A 906 -37.97 9.79 22.15
CA SER A 906 -37.25 10.54 23.19
C SER A 906 -35.80 10.09 23.15
N VAL A 907 -34.93 10.89 23.77
CA VAL A 907 -33.51 10.61 23.89
C VAL A 907 -33.06 11.00 25.29
N THR A 908 -32.38 10.09 25.99
CA THR A 908 -31.88 10.38 27.34
C THR A 908 -30.37 10.32 27.40
N ILE A 909 -29.82 11.13 28.30
CA ILE A 909 -28.39 11.11 28.58
C ILE A 909 -28.32 10.91 30.08
N ASP A 910 -27.69 9.82 30.51
CA ASP A 910 -27.61 9.43 31.92
C ASP A 910 -29.01 9.33 32.53
N GLY A 911 -29.97 8.88 31.73
CA GLY A 911 -31.33 8.70 32.19
C GLY A 911 -32.22 9.91 32.22
N ALA A 912 -31.68 11.09 31.91
CA ALA A 912 -32.48 12.32 31.89
C ALA A 912 -32.80 12.67 30.45
N ASP A 913 -34.06 13.01 30.16
CA ASP A 913 -34.43 13.40 28.81
C ASP A 913 -33.69 14.65 28.37
N VAL A 914 -33.31 14.69 27.09
CA VAL A 914 -32.73 15.89 26.49
C VAL A 914 -33.73 16.37 25.45
N ALA A 915 -33.73 17.67 25.21
CA ALA A 915 -34.74 18.30 24.40
C ALA A 915 -34.65 18.12 22.90
N LYS A 916 -35.81 17.88 22.31
CA LYS A 916 -35.91 17.81 20.88
C LYS A 916 -35.78 19.22 20.29
N ALA A 917 -34.88 19.37 19.33
CA ALA A 917 -34.70 20.62 18.60
C ALA A 917 -35.44 20.45 17.28
N ASP A 918 -36.25 21.42 16.88
CA ASP A 918 -37.06 21.29 15.67
C ASP A 918 -36.31 21.59 14.39
N THR A 919 -35.25 22.40 14.47
CA THR A 919 -34.47 22.76 13.31
C THR A 919 -33.00 22.60 13.62
N LEU A 920 -32.20 22.55 12.56
CA LEU A 920 -30.75 22.48 12.70
C LEU A 920 -30.24 23.72 13.43
N ASP A 921 -30.80 24.91 13.14
CA ASP A 921 -30.41 26.14 13.85
C ASP A 921 -30.60 26.02 15.35
N ALA A 922 -31.75 25.51 15.78
CA ALA A 922 -32.02 25.35 17.21
C ALA A 922 -31.05 24.33 17.82
N PHE A 923 -30.75 23.26 17.07
CA PHE A 923 -29.83 22.23 17.52
C PHE A 923 -28.45 22.84 17.77
N ASN A 924 -27.98 23.66 16.84
CA ASN A 924 -26.70 24.34 16.98
C ASN A 924 -26.63 25.27 18.17
N GLU A 925 -27.73 25.96 18.47
CA GLU A 925 -27.77 26.86 19.63
C GLU A 925 -27.83 26.12 20.97
N ALA A 926 -28.40 24.93 20.98
CA ALA A 926 -28.57 24.15 22.19
C ALA A 926 -27.25 23.66 22.73
N THR A 927 -27.18 23.40 24.05
N THR A 927 -27.23 23.39 24.04
CA THR A 927 -25.97 22.83 24.64
CA THR A 927 -26.05 22.88 24.72
C THR A 927 -26.08 21.30 24.69
C THR A 927 -26.10 21.34 24.73
N THR A 928 -27.31 20.79 24.82
CA THR A 928 -27.56 19.34 24.75
C THR A 928 -28.93 19.23 24.08
N GLY A 929 -29.17 18.10 23.42
CA GLY A 929 -30.45 17.88 22.76
C GLY A 929 -30.36 16.91 21.62
N TYR A 930 -31.44 16.80 20.86
CA TYR A 930 -31.45 15.93 19.68
C TYR A 930 -32.23 16.55 18.56
N TYR A 931 -31.92 16.11 17.35
CA TYR A 931 -32.53 16.64 16.15
C TYR A 931 -32.53 15.55 15.12
N TYR A 932 -33.60 15.43 14.35
CA TYR A 932 -33.70 14.39 13.33
C TYR A 932 -33.65 14.97 11.91
N ASP A 933 -32.65 14.54 11.16
CA ASP A 933 -32.41 14.92 9.74
C ASP A 933 -33.23 13.95 8.89
N THR A 934 -34.37 14.42 8.39
CA THR A 934 -35.27 13.53 7.64
C THR A 934 -34.71 13.11 6.29
N VAL A 935 -33.81 13.91 5.72
CA VAL A 935 -33.22 13.60 4.42
C VAL A 935 -32.22 12.47 4.48
N GLN A 936 -31.38 12.50 5.49
CA GLN A 936 -30.35 11.50 5.69
C GLN A 936 -30.78 10.34 6.63
N ASN A 937 -31.93 10.49 7.28
CA ASN A 937 -32.39 9.52 8.30
C ASN A 937 -31.34 9.34 9.41
N LEU A 938 -30.89 10.47 9.93
CA LEU A 938 -29.91 10.51 11.00
C LEU A 938 -30.45 11.27 12.20
N THR A 939 -30.33 10.65 13.37
CA THR A 939 -30.66 11.29 14.62
C THR A 939 -29.38 11.97 15.14
N TYR A 940 -29.39 13.29 15.27
CA TYR A 940 -28.23 14.00 15.86
C TYR A 940 -28.47 14.08 17.38
N VAL A 941 -27.46 13.78 18.17
CA VAL A 941 -27.54 13.89 19.61
C VAL A 941 -26.34 14.66 20.11
N LYS A 942 -26.59 15.77 20.80
CA LYS A 942 -25.50 16.58 21.32
C LYS A 942 -25.31 16.32 22.82
N ALA A 943 -24.07 16.01 23.19
CA ALA A 943 -23.70 15.78 24.58
C ALA A 943 -22.59 16.73 24.95
N ALA A 944 -22.68 17.32 26.14
CA ALA A 944 -21.68 18.24 26.62
C ALA A 944 -20.40 17.52 26.97
N ALA A 945 -19.30 18.27 27.00
CA ALA A 945 -18.02 17.78 27.45
C ALA A 945 -18.16 17.48 28.93
N LYS A 946 -17.70 16.32 29.35
CA LYS A 946 -17.78 15.93 30.75
C LYS A 946 -16.58 15.07 31.09
N ASP A 947 -16.15 15.13 32.34
N ASP A 947 -16.16 15.15 32.34
CA ASP A 947 -15.01 14.36 32.80
CA ASP A 947 -15.03 14.38 32.85
C ASP A 947 -15.34 12.90 33.13
C ASP A 947 -15.43 12.97 33.31
N ALA A 948 -16.56 12.46 32.81
CA ALA A 948 -17.00 11.08 33.11
C ALA A 948 -17.82 10.53 31.95
N LYS A 949 -17.95 9.20 31.91
CA LYS A 949 -18.72 8.54 30.87
C LYS A 949 -20.18 8.99 30.90
N GLN A 950 -20.81 9.04 29.74
CA GLN A 950 -22.21 9.42 29.61
C GLN A 950 -22.95 8.33 28.84
N ALA A 951 -24.14 7.97 29.33
CA ALA A 951 -24.94 6.94 28.68
C ALA A 951 -26.10 7.57 27.90
N ILE A 952 -26.02 7.48 26.58
CA ILE A 952 -27.03 8.03 25.68
C ILE A 952 -27.95 6.90 25.24
N VAL A 953 -29.26 7.15 25.26
CA VAL A 953 -30.20 6.16 24.82
C VAL A 953 -31.25 6.79 23.93
N LEU A 954 -31.38 6.26 22.71
CA LEU A 954 -32.41 6.70 21.75
C LEU A 954 -33.59 5.76 21.95
N ASN A 955 -34.75 6.32 22.27
CA ASN A 955 -35.95 5.51 22.51
C ASN A 955 -36.91 5.57 21.34
N GLY A 956 -37.64 4.47 21.14
CA GLY A 956 -38.66 4.38 20.08
C GLY A 956 -38.12 4.44 18.66
N VAL A 957 -36.88 4.00 18.48
CA VAL A 957 -36.27 4.01 17.17
C VAL A 957 -36.26 2.63 16.56
N ASN A 958 -36.36 2.63 15.23
CA ASN A 958 -36.18 1.44 14.41
C ASN A 958 -35.06 1.65 13.41
N HIS A 959 -34.69 0.55 12.73
CA HIS A 959 -33.73 0.63 11.67
C HIS A 959 -34.22 1.71 10.71
N ALA A 960 -33.29 2.47 10.12
CA ALA A 960 -33.64 3.57 9.24
C ALA A 960 -34.53 3.10 8.09
N PRO A 961 -35.41 3.96 7.61
CA PRO A 961 -36.27 3.55 6.50
C PRO A 961 -35.51 3.14 5.25
N TYR A 962 -36.15 2.31 4.46
CA TYR A 962 -35.71 1.97 3.12
C TYR A 962 -36.55 2.91 2.22
N GLU A 963 -35.91 3.93 1.65
CA GLU A 963 -36.62 4.94 0.86
C GLU A 963 -37.07 4.38 -0.48
N ALA A 964 -38.33 4.60 -0.82
CA ALA A 964 -38.84 4.10 -2.09
C ALA A 964 -38.10 4.70 -3.26
N GLU A 965 -37.74 5.98 -3.13
CA GLU A 965 -37.03 6.69 -4.21
C GLU A 965 -35.63 6.11 -4.51
N PHE A 966 -35.11 5.29 -3.61
CA PHE A 966 -33.85 4.60 -3.83
C PHE A 966 -34.03 3.16 -4.32
N GLY A 967 -35.27 2.71 -4.48
CA GLY A 967 -35.52 1.32 -4.89
C GLY A 967 -35.31 1.10 -6.38
N HIS A 968 -35.50 -0.13 -6.82
CA HIS A 968 -35.43 -0.45 -8.24
C HIS A 968 -36.82 -0.22 -8.79
N LEU A 969 -36.93 0.77 -9.68
CA LEU A 969 -38.23 1.20 -10.19
C LEU A 969 -38.59 0.70 -11.59
N THR A 970 -39.84 0.33 -11.78
CA THR A 970 -40.33 -0.10 -13.08
C THR A 970 -41.51 0.75 -13.48
N ASN A 971 -41.30 1.58 -14.51
CA ASN A 971 -42.34 2.43 -15.09
C ASN A 971 -42.99 3.42 -14.12
N VAL A 972 -42.21 3.89 -13.15
CA VAL A 972 -42.65 4.93 -12.21
C VAL A 972 -41.53 5.93 -12.03
N THR A 973 -41.86 7.10 -11.54
CA THR A 973 -40.85 8.13 -11.37
C THR A 973 -40.86 8.57 -9.91
N THR A 974 -40.05 9.58 -9.59
CA THR A 974 -40.00 10.10 -8.24
C THR A 974 -40.34 11.56 -8.24
N ALA A 975 -40.70 12.07 -7.06
CA ALA A 975 -41.01 13.48 -6.87
C ALA A 975 -40.84 13.87 -5.41
N SER A 976 -40.98 15.17 -5.14
N SER A 976 -40.96 15.16 -5.14
CA SER A 976 -40.83 15.74 -3.80
CA SER A 976 -40.86 15.70 -3.79
C SER A 976 -41.85 16.84 -3.57
C SER A 976 -41.81 16.89 -3.65
N ASP A 977 -43.00 16.74 -4.24
CA ASP A 977 -44.01 17.81 -4.28
C ASP A 977 -45.20 17.73 -3.32
N HIS A 978 -45.09 16.89 -2.30
CA HIS A 978 -46.05 16.89 -1.20
C HIS A 978 -45.17 16.82 0.00
N ALA A 979 -45.33 17.75 0.94
CA ALA A 979 -44.42 17.79 2.09
C ALA A 979 -44.55 16.64 3.09
N GLY A 980 -43.48 16.40 3.84
CA GLY A 980 -43.49 15.46 4.95
C GLY A 980 -42.85 14.11 4.73
N TYR A 981 -42.31 13.90 3.54
CA TYR A 981 -41.63 12.65 3.20
C TYR A 981 -40.27 12.55 3.88
N THR A 982 -39.78 11.31 4.09
CA THR A 982 -38.41 11.09 4.56
C THR A 982 -37.55 10.91 3.30
N GLY A 983 -36.24 11.00 3.46
CA GLY A 983 -35.34 10.91 2.33
C GLY A 983 -35.46 12.15 1.47
N THR A 984 -35.23 11.98 0.16
CA THR A 984 -35.23 13.07 -0.82
C THR A 984 -36.56 13.27 -1.53
N GLY A 985 -37.46 12.32 -1.35
CA GLY A 985 -38.80 12.43 -1.94
C GLY A 985 -39.59 11.16 -1.78
N PHE A 986 -40.23 10.74 -2.87
CA PHE A 986 -41.07 9.55 -2.87
C PHE A 986 -41.31 9.09 -4.28
N VAL A 987 -41.78 7.85 -4.43
CA VAL A 987 -42.19 7.37 -5.74
C VAL A 987 -43.57 7.96 -6.03
N ALA A 988 -43.73 8.51 -7.24
CA ALA A 988 -44.95 9.21 -7.60
C ALA A 988 -45.56 8.56 -8.82
N GLY A 989 -46.86 8.75 -9.00
CA GLY A 989 -47.58 8.22 -10.16
C GLY A 989 -47.54 6.69 -10.26
N PHE A 990 -47.60 6.02 -9.12
CA PHE A 990 -47.62 4.56 -9.09
C PHE A 990 -49.11 4.29 -9.15
N ASP A 991 -49.62 4.11 -10.35
CA ASP A 991 -51.08 4.03 -10.58
C ASP A 991 -51.55 3.22 -11.77
N ALA A 992 -50.74 2.31 -12.27
CA ALA A 992 -51.16 1.47 -13.41
C ALA A 992 -50.50 0.11 -13.40
N GLU A 993 -51.19 -0.87 -14.00
CA GLU A 993 -50.64 -2.23 -14.05
C GLU A 993 -49.29 -2.23 -14.75
N LYS A 994 -48.44 -3.18 -14.37
CA LYS A 994 -47.08 -3.37 -14.92
C LYS A 994 -46.06 -2.45 -14.23
N GLU A 995 -46.49 -1.62 -13.29
CA GLU A 995 -45.57 -0.77 -12.56
C GLU A 995 -45.15 -1.48 -11.28
N ALA A 996 -43.94 -1.20 -10.82
CA ALA A 996 -43.41 -1.87 -9.63
C ALA A 996 -42.31 -1.09 -8.93
N VAL A 997 -42.20 -1.30 -7.63
CA VAL A 997 -41.09 -0.75 -6.83
C VAL A 997 -40.50 -1.94 -6.08
N GLU A 998 -39.20 -2.15 -6.20
CA GLU A 998 -38.53 -3.24 -5.51
C GLU A 998 -37.51 -2.69 -4.52
N PHE A 999 -37.47 -3.31 -3.34
CA PHE A 999 -36.54 -2.98 -2.28
C PHE A 999 -35.66 -4.19 -1.96
N ASP A 1000 -34.39 -3.92 -1.66
CA ASP A 1000 -33.44 -4.93 -1.17
C ASP A 1000 -33.32 -4.66 0.34
N ILE A 1001 -33.88 -5.58 1.13
CA ILE A 1001 -34.07 -5.44 2.56
C ILE A 1001 -33.40 -6.51 3.40
N ASP A 1002 -32.86 -6.05 4.54
CA ASP A 1002 -32.24 -6.93 5.53
C ASP A 1002 -33.16 -7.21 6.74
N ALA A 1003 -33.05 -8.42 7.26
CA ALA A 1003 -33.74 -8.75 8.49
C ALA A 1003 -32.93 -7.94 9.52
N VAL A 1004 -33.62 -7.26 10.41
CA VAL A 1004 -32.93 -6.33 11.31
C VAL A 1004 -32.09 -7.05 12.35
N ASP A 1005 -32.70 -7.99 13.06
CA ASP A 1005 -32.07 -8.71 14.15
C ASP A 1005 -32.12 -10.21 13.90
N GLY A 1006 -31.64 -10.62 12.72
CA GLY A 1006 -31.64 -12.04 12.37
C GLY A 1006 -32.90 -12.49 11.66
N ALA A 1007 -32.81 -13.64 11.01
CA ALA A 1007 -33.98 -14.19 10.29
C ALA A 1007 -35.16 -14.31 11.23
N SER A 1008 -36.31 -13.81 10.83
CA SER A 1008 -37.50 -13.83 11.69
C SER A 1008 -38.70 -13.25 10.97
N ASP A 1009 -39.84 -13.30 11.65
CA ASP A 1009 -41.01 -12.56 11.20
C ASP A 1009 -40.84 -11.12 11.69
N TYR A 1010 -41.25 -10.17 10.86
CA TYR A 1010 -41.18 -8.75 11.15
C TYR A 1010 -42.47 -8.08 10.70
N THR A 1011 -42.61 -6.82 11.10
CA THR A 1011 -43.69 -5.96 10.62
C THR A 1011 -43.03 -4.96 9.67
N MSE A 1012 -43.57 -4.88 8.45
CA MSE A 1012 -43.10 -3.93 7.43
C MSE A 1012 -44.13 -2.80 7.39
O MSE A 1012 -45.29 -3.02 7.03
CB MSE A 1012 -42.97 -4.62 6.07
CG MSE A 1012 -42.54 -3.62 5.02
SE MSE A 1012 -42.26 -4.45 3.28
CE MSE A 1012 -44.05 -5.17 2.88
N GLU A 1013 -43.71 -1.61 7.81
CA GLU A 1013 -44.52 -0.41 7.80
C GLU A 1013 -44.42 0.23 6.43
N VAL A 1014 -45.54 0.39 5.73
CA VAL A 1014 -45.55 0.95 4.39
C VAL A 1014 -46.11 2.38 4.50
N ARG A 1015 -45.32 3.39 4.14
CA ARG A 1015 -45.77 4.78 4.21
C ARG A 1015 -46.09 5.30 2.82
N TYR A 1016 -47.31 5.82 2.67
CA TYR A 1016 -47.81 6.18 1.37
C TYR A 1016 -48.88 7.24 1.53
N SER A 1017 -49.31 7.74 0.38
CA SER A 1017 -50.46 8.65 0.30
C SER A 1017 -51.35 8.11 -0.81
N ALA A 1018 -52.66 8.25 -0.64
CA ALA A 1018 -53.63 7.75 -1.63
C ALA A 1018 -54.83 8.67 -1.56
N GLY A 1019 -54.69 9.82 -2.20
CA GLY A 1019 -55.68 10.89 -2.09
C GLY A 1019 -57.03 10.69 -2.70
N VAL A 1020 -57.14 9.80 -3.67
CA VAL A 1020 -58.39 9.62 -4.41
C VAL A 1020 -59.28 8.48 -3.91
N GLU A 1021 -58.68 7.32 -3.64
CA GLU A 1021 -59.44 6.12 -3.22
C GLU A 1021 -58.54 5.05 -2.59
N ASP A 1022 -59.14 4.05 -1.96
CA ASP A 1022 -58.38 2.94 -1.39
C ASP A 1022 -57.58 2.28 -2.52
N ALA A 1023 -56.35 1.88 -2.22
CA ALA A 1023 -55.50 1.19 -3.17
C ALA A 1023 -55.19 -0.22 -2.67
N THR A 1024 -54.79 -1.09 -3.60
CA THR A 1024 -54.25 -2.39 -3.23
C THR A 1024 -52.99 -2.64 -4.06
N ARG A 1025 -52.07 -3.37 -3.49
CA ARG A 1025 -50.88 -3.78 -4.22
C ARG A 1025 -50.58 -5.22 -3.83
N THR A 1026 -49.82 -5.88 -4.70
CA THR A 1026 -49.41 -7.24 -4.55
C THR A 1026 -47.93 -7.20 -4.20
N VAL A 1027 -47.56 -7.84 -3.09
CA VAL A 1027 -46.19 -7.82 -2.59
C VAL A 1027 -45.61 -9.23 -2.65
N TYR A 1028 -44.37 -9.34 -3.10
CA TYR A 1028 -43.65 -10.61 -3.13
C TYR A 1028 -42.42 -10.46 -2.25
N ILE A 1029 -42.24 -11.36 -1.29
CA ILE A 1029 -41.09 -11.36 -0.40
C ILE A 1029 -40.27 -12.60 -0.79
N ASN A 1030 -39.11 -12.43 -1.41
CA ASN A 1030 -38.35 -13.58 -1.94
C ASN A 1030 -39.25 -14.57 -2.69
N GLY A 1031 -40.16 -14.03 -3.49
CA GLY A 1031 -41.06 -14.81 -4.33
C GLY A 1031 -42.40 -15.21 -3.72
N LYS A 1032 -42.62 -14.92 -2.43
CA LYS A 1032 -43.85 -15.33 -1.73
C LYS A 1032 -44.87 -14.20 -1.75
N LYS A 1033 -46.03 -14.48 -2.32
CA LYS A 1033 -47.05 -13.45 -2.58
C LYS A 1033 -48.00 -13.18 -1.44
N GLN A 1034 -48.35 -11.90 -1.30
CA GLN A 1034 -49.45 -11.49 -0.45
C GLN A 1034 -50.01 -10.20 -1.03
N GLN A 1035 -51.28 -9.92 -0.76
CA GLN A 1035 -51.89 -8.68 -1.23
C GLN A 1035 -52.09 -7.75 -0.04
N ILE A 1036 -51.92 -6.45 -0.25
CA ILE A 1036 -52.12 -5.47 0.81
C ILE A 1036 -53.11 -4.39 0.40
N THR A 1037 -53.77 -3.82 1.40
CA THR A 1037 -54.73 -2.73 1.21
C THR A 1037 -54.17 -1.47 1.84
N LEU A 1038 -54.24 -0.39 1.08
CA LEU A 1038 -53.71 0.89 1.49
C LEU A 1038 -54.87 1.87 1.47
N PRO A 1039 -55.50 2.10 2.62
CA PRO A 1039 -56.71 2.93 2.65
C PRO A 1039 -56.50 4.36 2.14
N LYS A 1040 -57.57 4.92 1.54
CA LYS A 1040 -57.55 6.30 1.06
C LYS A 1040 -57.08 7.23 2.17
N THR A 1041 -56.26 8.22 1.80
CA THR A 1041 -55.85 9.28 2.74
C THR A 1041 -56.71 10.51 2.42
N ALA A 1042 -56.83 11.44 3.36
CA ALA A 1042 -57.69 12.62 3.16
C ALA A 1042 -57.41 13.38 1.85
N ASN A 1043 -56.12 13.44 1.49
CA ASN A 1043 -55.65 14.13 0.28
C ASN A 1043 -54.20 13.70 0.03
N TRP A 1044 -53.57 14.28 -1.00
CA TRP A 1044 -52.20 13.91 -1.39
C TRP A 1044 -51.12 14.53 -0.48
N ASP A 1045 -51.54 15.43 0.41
CA ASP A 1045 -50.64 16.00 1.38
C ASP A 1045 -50.71 15.25 2.71
N THR A 1046 -51.43 14.14 2.75
CA THR A 1046 -51.59 13.38 3.96
C THR A 1046 -50.97 12.00 3.78
N TRP A 1047 -50.03 11.63 4.66
CA TRP A 1047 -49.39 10.30 4.63
C TRP A 1047 -50.02 9.38 5.67
N ASN A 1048 -49.98 8.08 5.39
CA ASN A 1048 -50.47 7.07 6.31
C ASN A 1048 -49.51 5.90 6.29
N THR A 1049 -49.57 5.07 7.33
CA THR A 1049 -48.80 3.87 7.36
C THR A 1049 -49.68 2.64 7.55
N VAL A 1050 -49.38 1.58 6.82
CA VAL A 1050 -50.04 0.30 6.98
C VAL A 1050 -49.00 -0.73 7.41
N GLU A 1051 -49.38 -1.62 8.31
CA GLU A 1051 -48.46 -2.62 8.82
C GLU A 1051 -48.71 -3.91 8.09
N VAL A 1052 -47.65 -4.49 7.53
CA VAL A 1052 -47.72 -5.72 6.77
C VAL A 1052 -46.82 -6.79 7.41
N PRO A 1053 -47.37 -7.98 7.77
CA PRO A 1053 -46.53 -9.05 8.30
C PRO A 1053 -45.67 -9.70 7.22
N VAL A 1054 -44.36 -9.80 7.47
CA VAL A 1054 -43.44 -10.39 6.52
C VAL A 1054 -42.49 -11.35 7.23
N THR A 1055 -41.90 -12.25 6.46
CA THR A 1055 -40.88 -13.14 7.00
C THR A 1055 -39.61 -12.80 6.25
N LEU A 1056 -38.57 -12.40 6.98
CA LEU A 1056 -37.28 -12.02 6.40
C LEU A 1056 -36.19 -12.98 6.84
N GLN A 1057 -35.35 -13.38 5.88
CA GLN A 1057 -34.31 -14.37 6.08
C GLN A 1057 -32.95 -13.71 6.07
N ALA A 1058 -31.90 -14.51 6.29
CA ALA A 1058 -30.54 -13.99 6.24
C ALA A 1058 -30.19 -13.51 4.81
N GLY A 1059 -29.32 -12.51 4.72
CA GLY A 1059 -28.89 -11.97 3.44
C GLY A 1059 -29.92 -11.01 2.85
N ASN A 1060 -29.77 -10.70 1.58
CA ASN A 1060 -30.67 -9.78 0.94
C ASN A 1060 -32.07 -10.37 0.73
N ASN A 1061 -33.09 -9.64 1.15
CA ASN A 1061 -34.49 -10.02 0.90
C ASN A 1061 -35.05 -9.15 -0.23
N GLN A 1062 -35.52 -9.80 -1.29
N GLN A 1062 -35.50 -9.77 -1.32
CA GLN A 1062 -36.10 -9.14 -2.43
CA GLN A 1062 -36.07 -9.05 -2.45
C GLN A 1062 -37.55 -8.84 -2.10
C GLN A 1062 -37.54 -8.82 -2.18
N VAL A 1063 -37.90 -7.56 -1.98
CA VAL A 1063 -39.27 -7.18 -1.63
C VAL A 1063 -39.86 -6.36 -2.76
N VAL A 1064 -40.85 -6.92 -3.46
CA VAL A 1064 -41.41 -6.29 -4.63
C VAL A 1064 -42.84 -5.85 -4.39
N PHE A 1065 -43.12 -4.58 -4.70
CA PHE A 1065 -44.50 -4.08 -4.70
C PHE A 1065 -44.92 -3.94 -6.18
N ASP A 1066 -45.89 -4.75 -6.60
CA ASP A 1066 -46.41 -4.77 -7.97
C ASP A 1066 -47.84 -4.27 -8.00
N PHE A 1067 -48.24 -3.75 -9.16
CA PHE A 1067 -49.65 -3.38 -9.43
C PHE A 1067 -50.08 -4.41 -10.47
N GLU A 1068 -50.83 -5.42 -10.04
CA GLU A 1068 -51.28 -6.47 -10.95
C GLU A 1068 -52.69 -6.19 -11.46
N ALA A 1069 -53.16 -7.05 -12.37
CA ALA A 1069 -54.47 -6.91 -12.98
C ALA A 1069 -55.61 -6.74 -11.98
N ASP A 1070 -55.52 -7.40 -10.84
CA ASP A 1070 -56.54 -7.29 -9.79
C ASP A 1070 -56.25 -6.19 -8.74
N ASP A 1071 -55.26 -5.34 -9.00
CA ASP A 1071 -54.95 -4.26 -8.06
C ASP A 1071 -55.65 -3.00 -8.50
N THR A 1072 -55.60 -1.97 -7.66
CA THR A 1072 -56.28 -0.73 -8.00
C THR A 1072 -55.69 0.53 -7.35
N ALA A 1073 -55.92 1.66 -8.03
CA ALA A 1073 -55.65 2.99 -7.54
C ALA A 1073 -54.21 3.48 -7.47
N GLY A 1074 -54.09 4.81 -7.45
CA GLY A 1074 -52.80 5.47 -7.39
C GLY A 1074 -52.34 5.74 -5.98
N ILE A 1075 -51.03 5.59 -5.77
CA ILE A 1075 -50.41 6.01 -4.52
C ILE A 1075 -49.11 6.75 -4.78
N ASN A 1076 -48.70 7.53 -3.77
CA ASN A 1076 -47.35 8.08 -3.68
C ASN A 1076 -46.73 7.22 -2.59
N PHE A 1077 -45.47 6.82 -2.75
CA PHE A 1077 -44.86 5.80 -1.89
C PHE A 1077 -43.58 6.37 -1.29
N ASP A 1078 -43.59 6.62 0.01
CA ASP A 1078 -42.50 7.30 0.65
C ASP A 1078 -41.33 6.38 1.02
N HIS A 1079 -41.62 5.33 1.75
CA HIS A 1079 -40.60 4.42 2.26
C HIS A 1079 -41.26 3.22 2.92
N VAL A 1080 -40.44 2.23 3.27
CA VAL A 1080 -40.89 1.16 4.17
C VAL A 1080 -39.92 1.10 5.37
N VAL A 1081 -40.45 0.74 6.54
CA VAL A 1081 -39.66 0.58 7.76
C VAL A 1081 -39.87 -0.85 8.24
N ILE A 1082 -38.79 -1.52 8.64
CA ILE A 1082 -38.89 -2.87 9.17
C ILE A 1082 -38.80 -2.77 10.67
N LYS A 1083 -39.80 -3.30 11.38
CA LYS A 1083 -39.78 -3.30 12.86
C LYS A 1083 -40.23 -4.65 13.40
N LYS A 1084 -40.12 -4.85 14.71
CA LYS A 1084 -40.44 -6.14 15.32
C LYS A 1084 -41.80 -6.74 14.86
O4 GLC B . -30.85 13.87 -11.49
C1 GLC B . -31.16 14.35 -10.19
C2 GLC B . -29.93 14.87 -9.45
C3 GLC B . -29.00 13.75 -9.00
C4 GLC B . -29.79 12.70 -8.22
C5 GLC B . -30.99 12.21 -9.05
C6 GLC B . -31.91 11.27 -8.26
O2 GLC B . -29.17 15.72 -10.33
O3 GLC B . -27.94 14.31 -8.22
O4 GLC B . -28.90 11.63 -7.91
O5 GLC B . -31.80 13.31 -9.45
O6 GLC B . -32.41 10.26 -9.16
C1 GLC B . -28.37 11.61 -6.60
C2 GLC B . -26.93 11.10 -6.69
C3 GLC B . -26.89 9.63 -7.12
C4 GLC B . -27.76 8.81 -6.15
C5 GLC B . -29.18 9.39 -6.15
C6 GLC B . -30.12 8.57 -5.26
O2 GLC B . -26.24 11.89 -7.67
O3 GLC B . -25.53 9.19 -7.16
O4 GLC B . -27.87 7.45 -6.57
O5 GLC B . -29.17 10.77 -5.74
O6 GLC B . -31.46 9.08 -5.43
C1 GLC B . -26.79 6.61 -6.12
C2 GLC B . -26.69 5.44 -7.08
C3 GLC B . -27.78 4.39 -6.87
C4 GLC B . -27.87 4.01 -5.40
C5 GLC B . -28.16 5.29 -4.61
C6 GLC B . -28.33 5.04 -3.10
O2 GLC B . -26.72 5.87 -8.45
O3 GLC B . -27.50 3.27 -7.72
O4 GLC B . -28.89 3.00 -5.17
O5 GLC B . -27.07 6.20 -4.76
O6 GLC B . -27.16 4.44 -2.55
O4 GLC C . 36.58 -7.83 -47.08
C1 GLC C . 36.73 -9.23 -46.87
C2 GLC C . 35.42 -9.85 -46.37
C3 GLC C . 35.00 -9.30 -45.00
C4 GLC C . 36.14 -9.38 -43.97
C5 GLC C . 37.51 -8.96 -44.57
C6 GLC C . 38.65 -9.46 -43.68
O2 GLC C . 34.40 -9.60 -47.35
O3 GLC C . 33.88 -10.07 -44.54
O4 GLC C . 35.89 -8.54 -42.82
O5 GLC C . 37.74 -9.49 -45.89
O6 GLC C . 39.53 -8.38 -43.34
C1 GLC C . 34.87 -8.96 -41.89
C2 GLC C . 34.89 -8.01 -40.68
C3 GLC C . 36.21 -8.15 -39.93
C4 GLC C . 36.42 -9.60 -39.49
C5 GLC C . 36.24 -10.57 -40.66
C6 GLC C . 36.18 -12.01 -40.17
O2 GLC C . 34.72 -6.67 -41.15
O3 GLC C . 36.26 -7.28 -38.79
O4 GLC C . 37.74 -9.69 -38.98
O5 GLC C . 35.04 -10.32 -41.41
O6 GLC C . 36.46 -12.85 -41.30
C1 GLC C . 37.89 -10.01 -37.59
C2 GLC C . 39.00 -9.16 -36.95
C3 GLC C . 40.39 -9.50 -37.48
C4 GLC C . 40.63 -11.02 -37.43
C5 GLC C . 39.45 -11.76 -38.08
C6 GLC C . 39.61 -13.28 -37.98
O2 GLC C . 38.72 -7.78 -37.20
O3 GLC C . 41.42 -8.82 -36.73
O4 GLC C . 41.85 -11.34 -38.10
O5 GLC C . 38.21 -11.40 -37.48
O6 GLC C . 39.61 -13.69 -36.62
O4 GLC D . 36.49 4.27 -26.31
C1 GLC D . 37.43 3.18 -26.30
C2 GLC D . 36.74 1.86 -26.68
C3 GLC D . 35.81 1.38 -25.55
C4 GLC D . 36.61 1.27 -24.25
C5 GLC D . 37.23 2.63 -23.92
C6 GLC D . 38.02 2.56 -22.61
O2 GLC D . 36.09 1.93 -27.98
O3 GLC D . 35.25 0.10 -25.83
O4 GLC D . 35.80 0.77 -23.16
O5 GLC D . 38.06 3.08 -25.00
O6 GLC D . 38.88 3.69 -22.45
C1 GLC D . 35.95 -0.63 -22.85
C2 GLC D . 34.59 -1.25 -22.53
C3 GLC D . 34.02 -0.64 -21.26
C4 GLC D . 35.00 -0.84 -20.10
C5 GLC D . 36.37 -0.30 -20.48
C6 GLC D . 37.42 -0.66 -19.41
O2 GLC D . 33.72 -1.04 -23.65
O3 GLC D . 32.77 -1.25 -20.92
O4 GLC D . 34.52 -0.15 -18.94
O5 GLC D . 36.82 -0.85 -21.73
O6 GLC D . 38.67 -0.96 -20.03
MG MG E . 9.80 23.53 12.98
MG MG F . 0.80 -11.63 16.62
CA CA G . -38.89 8.87 0.78
CL CL H . -47.42 8.22 8.47
CL CL I . 14.63 -38.98 16.28
C1 PEG J . 12.76 3.30 -19.09
O1 PEG J . 11.46 3.75 -19.57
C2 PEG J . 12.90 3.63 -17.61
O2 PEG J . 14.22 3.82 -17.06
C3 PEG J . 14.31 4.76 -15.97
C4 PEG J . 14.90 6.11 -16.42
O4 PEG J . 14.36 7.20 -15.67
#